data_4JFT
#
_entry.id   4JFT
#
_cell.length_a   67.495
_cell.length_b   94.646
_cell.length_c   96.905
_cell.angle_alpha   90.000
_cell.angle_beta   90.870
_cell.angle_gamma   90.000
#
_symmetry.space_group_name_H-M   'P 1 21 1'
#
loop_
_entity.id
_entity.type
_entity.pdbx_description
1 polymer alpha-L-fucosidase
2 non-polymer (2S,3S,4R,5S)-2-(4-methoxyphenyl)-5-methylpyrrolidine-3,4-diol
3 non-polymer 'SULFATE ION'
4 non-polymer IMIDAZOLE
5 non-polymer GLYCEROL
6 water water
#
_entity_poly.entity_id   1
_entity_poly.type   'polypeptide(L)'
_entity_poly.pdbx_seq_one_letter_code
;EIPLKYGATNEGKRQDPAMQKFRDNRLGAFIHWGLYAIPGGEWNGKVYGGAAEWLKSWAKVPADEWLKLMDQWNPTKFDA
KKWAKMAKEMGTKYVKITTKHHEGFCLWPSKYTKYTVANTPYKRDILGELVKAYNDEGIDVHFYFSVMDWSNPDYRYDIK
SKEDSIAFSRFLEFTDNQLKELATRYPTVKDFWFDGTWDASVKKNGWWTAHAEQMLKELVPGVAINSRLRADDKGKRHFD
SNGRLMGDYESGYERRLPDPVKDLKVTQWDWEACMTIPENQWGYHKDWSLSYVKTPIEVIDRIVHAVSMGGNMVVNFGPQ
ADGDFRPEEKAMATAIGKWMNRYGKAVYACDYAGFEKQDWGYYTRGKNDEVYMVVFNQPYSERLIVKTPKGITVEKATLL
TTGEDITVVETTRNEYNVSVPKKNPGEPYVIQLKVRAAKGTKSIYRDALT
;
_entity_poly.pdbx_strand_id   A,B
#
loop_
_chem_comp.id
_chem_comp.type
_chem_comp.name
_chem_comp.formula
1KN non-polymer (2S,3S,4R,5S)-2-(4-methoxyphenyl)-5-methylpyrrolidine-3,4-diol 'C12 H17 N O3'
GOL non-polymer GLYCEROL 'C3 H8 O3'
IMD non-polymer IMIDAZOLE 'C3 H5 N2 1'
SO4 non-polymer 'SULFATE ION' 'O4 S -2'
#
# COMPACT_ATOMS: atom_id res chain seq x y z
N GLU A 1 -37.58 -3.62 -28.27
CA GLU A 1 -36.44 -2.96 -27.55
C GLU A 1 -36.87 -2.34 -26.23
N ILE A 2 -36.78 -3.09 -25.14
CA ILE A 2 -37.22 -2.60 -23.84
C ILE A 2 -36.32 -1.47 -23.34
N PRO A 3 -36.90 -0.35 -22.86
CA PRO A 3 -36.06 0.77 -22.40
C PRO A 3 -35.63 0.50 -20.96
N LEU A 4 -34.39 0.82 -20.60
CA LEU A 4 -33.84 0.46 -19.27
C LEU A 4 -32.85 1.50 -18.78
N LYS A 5 -33.00 1.84 -17.49
CA LYS A 5 -32.10 2.76 -16.83
C LYS A 5 -30.83 2.03 -16.45
N TYR A 6 -30.95 0.75 -16.08
CA TYR A 6 -29.83 0.02 -15.45
C TYR A 6 -29.39 -1.21 -16.21
N GLY A 7 -29.58 -1.21 -17.53
CA GLY A 7 -29.10 -2.30 -18.37
C GLY A 7 -27.66 -2.09 -18.80
N ALA A 8 -27.27 -2.79 -19.86
CA ALA A 8 -25.93 -2.77 -20.40
C ALA A 8 -25.34 -1.39 -20.67
N THR A 9 -24.04 -1.24 -20.37
CA THR A 9 -23.31 0.04 -20.53
C THR A 9 -22.39 0.02 -21.78
N ASN A 10 -21.52 -1.00 -21.89
CA ASN A 10 -20.78 -1.31 -23.11
C ASN A 10 -21.73 -1.76 -24.24
N GLU A 11 -21.29 -1.64 -25.48
CA GLU A 11 -21.90 -2.36 -26.60
C GLU A 11 -20.67 -2.93 -27.30
N GLY A 12 -20.46 -4.25 -27.25
CA GLY A 12 -19.20 -4.85 -27.75
C GLY A 12 -18.07 -4.86 -26.72
N LYS A 13 -16.93 -5.39 -27.12
CA LYS A 13 -15.80 -5.57 -26.23
C LYS A 13 -15.11 -4.26 -25.98
N ARG A 14 -14.65 -4.04 -24.76
CA ARG A 14 -13.77 -2.89 -24.46
C ARG A 14 -12.45 -3.12 -25.11
N GLN A 15 -11.86 -2.08 -25.70
CA GLN A 15 -10.54 -2.23 -26.31
C GLN A 15 -9.48 -1.33 -25.72
N ASP A 16 -9.80 -0.73 -24.57
CA ASP A 16 -8.81 0.06 -23.85
C ASP A 16 -7.71 -0.83 -23.40
N PRO A 17 -6.54 -0.24 -23.12
CA PRO A 17 -5.38 -1.05 -22.66
C PRO A 17 -5.66 -1.90 -21.41
N ALA A 18 -6.45 -1.39 -20.47
CA ALA A 18 -6.68 -2.12 -19.24
C ALA A 18 -7.48 -3.44 -19.54
N MET A 19 -8.52 -3.38 -20.38
CA MET A 19 -9.26 -4.58 -20.76
C MET A 19 -8.41 -5.48 -21.64
N GLN A 20 -7.56 -4.90 -22.47
CA GLN A 20 -6.67 -5.72 -23.29
C GLN A 20 -5.75 -6.46 -22.46
N LYS A 21 -5.30 -5.83 -21.39
CA LYS A 21 -4.39 -6.54 -20.45
C LYS A 21 -5.15 -7.66 -19.70
N PHE A 22 -6.28 -7.35 -19.11
CA PHE A 22 -7.20 -8.35 -18.58
C PHE A 22 -7.32 -9.61 -19.47
N ARG A 23 -7.58 -9.37 -20.75
CA ARG A 23 -7.83 -10.41 -21.70
C ARG A 23 -6.51 -11.17 -21.97
N ASP A 24 -5.46 -10.42 -22.31
CA ASP A 24 -4.19 -11.02 -22.73
C ASP A 24 -3.56 -11.80 -21.62
N ASN A 25 -3.80 -11.42 -20.37
CA ASN A 25 -3.37 -12.26 -19.19
C ASN A 25 -3.77 -13.76 -19.35
N ARG A 26 -5.03 -14.01 -19.71
CA ARG A 26 -5.63 -15.34 -19.94
C ARG A 26 -5.65 -16.28 -18.77
N LEU A 27 -4.50 -16.50 -18.13
CA LEU A 27 -4.42 -17.41 -17.06
C LEU A 27 -4.28 -16.74 -15.71
N GLY A 28 -5.21 -17.06 -14.81
CA GLY A 28 -5.18 -16.55 -13.46
C GLY A 28 -5.33 -17.63 -12.46
N ALA A 29 -5.12 -17.24 -11.20
CA ALA A 29 -5.42 -18.09 -10.07
C ALA A 29 -6.45 -17.43 -9.20
N PHE A 30 -7.25 -18.26 -8.49
CA PHE A 30 -8.25 -17.72 -7.53
C PHE A 30 -7.74 -18.12 -6.16
N ILE A 31 -7.91 -17.26 -5.18
CA ILE A 31 -7.61 -17.59 -3.76
C ILE A 31 -8.91 -17.47 -2.96
N HIS A 32 -9.41 -18.58 -2.44
CA HIS A 32 -10.49 -18.56 -1.45
C HIS A 32 -9.88 -18.81 -0.06
N TRP A 33 -9.83 -17.77 0.75
CA TRP A 33 -9.19 -17.87 2.09
C TRP A 33 -10.01 -17.03 3.03
N GLY A 34 -10.39 -17.67 4.12
CA GLY A 34 -11.36 -17.12 5.05
C GLY A 34 -11.42 -17.99 6.27
N LEU A 35 -12.30 -17.63 7.19
CA LEU A 35 -12.37 -18.42 8.46
C LEU A 35 -12.72 -19.91 8.21
N TYR A 36 -13.48 -20.18 7.14
CA TYR A 36 -13.82 -21.56 6.74
C TYR A 36 -12.60 -22.44 6.58
N ALA A 37 -11.41 -21.87 6.37
CA ALA A 37 -10.18 -22.69 6.30
C ALA A 37 -9.81 -23.36 7.60
N ILE A 38 -10.24 -22.79 8.71
CA ILE A 38 -9.94 -23.36 10.06
C ILE A 38 -10.71 -24.69 10.27
N PRO A 39 -12.05 -24.70 10.27
CA PRO A 39 -12.71 -26.02 10.41
C PRO A 39 -12.55 -26.95 9.20
N GLY A 40 -12.24 -26.40 8.02
CA GLY A 40 -11.98 -27.22 6.83
C GLY A 40 -13.08 -28.17 6.38
N GLY A 41 -14.33 -27.77 6.47
CA GLY A 41 -15.43 -28.65 6.16
C GLY A 41 -15.93 -29.54 7.29
N GLU A 42 -15.27 -29.46 8.46
CA GLU A 42 -15.64 -30.24 9.63
C GLU A 42 -16.18 -29.39 10.75
N TRP A 43 -17.38 -29.76 11.26
CA TRP A 43 -17.93 -29.12 12.44
C TRP A 43 -18.36 -30.16 13.50
N ASN A 44 -17.74 -30.01 14.69
CA ASN A 44 -18.06 -30.83 15.85
C ASN A 44 -18.10 -32.28 15.48
N GLY A 45 -17.02 -32.72 14.84
CA GLY A 45 -16.82 -34.09 14.50
C GLY A 45 -17.52 -34.56 13.24
N LYS A 46 -18.38 -33.71 12.66
CA LYS A 46 -18.97 -34.05 11.41
C LYS A 46 -18.36 -33.37 10.18
N VAL A 47 -17.92 -34.21 9.23
CA VAL A 47 -17.35 -33.74 7.96
C VAL A 47 -18.45 -33.63 6.93
N TYR A 48 -18.65 -32.43 6.41
CA TYR A 48 -19.72 -32.16 5.47
C TYR A 48 -19.18 -32.15 4.06
N GLY A 49 -19.95 -32.73 3.13
CA GLY A 49 -19.49 -32.94 1.75
C GLY A 49 -19.66 -31.71 0.87
N GLY A 50 -20.62 -30.89 1.24
CA GLY A 50 -20.74 -29.54 0.72
C GLY A 50 -19.46 -28.72 0.72
N ALA A 51 -19.47 -27.69 -0.11
CA ALA A 51 -18.35 -26.77 -0.20
C ALA A 51 -17.95 -26.20 1.20
N ALA A 52 -16.70 -26.31 1.50
CA ALA A 52 -16.22 -25.92 2.85
C ALA A 52 -16.49 -24.48 3.20
N GLU A 53 -16.45 -23.58 2.22
CA GLU A 53 -16.71 -22.17 2.51
C GLU A 53 -18.18 -21.87 2.88
N TRP A 54 -19.07 -22.82 2.65
CA TRP A 54 -20.48 -22.76 3.07
C TRP A 54 -20.72 -23.64 4.32
N LEU A 55 -19.66 -24.02 5.03
CA LEU A 55 -19.87 -24.85 6.21
C LEU A 55 -20.80 -24.25 7.26
N LYS A 56 -20.77 -22.92 7.40
CA LYS A 56 -21.66 -22.25 8.35
C LYS A 56 -23.14 -22.59 8.10
N SER A 57 -23.50 -22.61 6.84
CA SER A 57 -24.82 -22.95 6.42
C SER A 57 -25.13 -24.43 6.66
N TRP A 58 -24.28 -25.34 6.18
CA TRP A 58 -24.50 -26.77 6.30
C TRP A 58 -24.55 -27.17 7.75
N ALA A 59 -23.68 -26.65 8.61
CA ALA A 59 -23.69 -27.02 10.02
C ALA A 59 -24.60 -26.09 10.87
N LYS A 60 -25.39 -25.24 10.24
CA LYS A 60 -26.29 -24.31 10.93
C LYS A 60 -25.63 -23.59 12.10
N VAL A 61 -24.43 -23.06 11.88
CA VAL A 61 -23.69 -22.39 12.93
C VAL A 61 -24.16 -20.93 13.01
N PRO A 62 -24.53 -20.47 14.21
CA PRO A 62 -24.83 -19.07 14.36
C PRO A 62 -23.65 -18.16 14.03
N ALA A 63 -23.94 -16.97 13.54
CA ALA A 63 -22.89 -16.02 13.20
C ALA A 63 -21.94 -15.75 14.36
N ASP A 64 -22.51 -15.38 15.51
CA ASP A 64 -21.76 -15.06 16.74
C ASP A 64 -20.73 -16.13 16.88
N GLU A 65 -21.18 -17.37 16.76
CA GLU A 65 -20.32 -18.53 17.00
C GLU A 65 -19.32 -18.84 15.86
N TRP A 66 -19.80 -18.74 14.63
CA TRP A 66 -18.94 -18.86 13.45
C TRP A 66 -17.80 -17.82 13.48
N LEU A 67 -18.15 -16.57 13.73
CA LEU A 67 -17.16 -15.50 13.72
C LEU A 67 -16.15 -15.61 14.87
N LYS A 68 -16.50 -16.35 15.93
CA LYS A 68 -15.53 -16.59 17.04
C LYS A 68 -14.30 -17.27 16.53
N LEU A 69 -14.39 -17.88 15.34
CA LEU A 69 -13.19 -18.48 14.68
C LEU A 69 -12.07 -17.48 14.45
N MET A 70 -12.43 -16.21 14.41
CA MET A 70 -11.39 -15.18 14.37
C MET A 70 -10.30 -15.33 15.43
N ASP A 71 -10.70 -15.81 16.62
CA ASP A 71 -9.72 -16.02 17.74
C ASP A 71 -8.70 -17.06 17.39
N GLN A 72 -9.00 -17.90 16.41
CA GLN A 72 -8.07 -18.92 15.96
CA GLN A 72 -8.09 -18.92 15.96
C GLN A 72 -7.34 -18.51 14.69
N TRP A 73 -7.64 -17.32 14.16
CA TRP A 73 -6.96 -16.92 12.92
C TRP A 73 -5.53 -16.47 13.18
N ASN A 74 -4.58 -17.36 12.87
CA ASN A 74 -3.21 -17.07 13.01
C ASN A 74 -2.29 -17.80 12.09
N PRO A 75 -2.31 -17.47 10.81
CA PRO A 75 -1.57 -18.26 9.82
C PRO A 75 -0.07 -17.94 9.83
N THR A 76 0.61 -18.58 10.76
CA THR A 76 2.02 -18.28 11.05
C THR A 76 2.91 -18.64 9.88
N LYS A 77 2.46 -19.52 8.98
CA LYS A 77 3.29 -19.82 7.80
C LYS A 77 3.06 -18.91 6.61
N PHE A 78 2.07 -18.02 6.71
CA PHE A 78 1.78 -17.07 5.63
C PHE A 78 2.97 -16.21 5.22
N ASP A 79 3.27 -16.14 3.93
CA ASP A 79 4.32 -15.26 3.44
C ASP A 79 3.98 -14.83 2.02
N ALA A 80 3.55 -13.57 1.91
CA ALA A 80 3.04 -13.03 0.70
C ALA A 80 3.99 -13.15 -0.48
N LYS A 81 5.29 -13.01 -0.24
CA LYS A 81 6.29 -13.10 -1.30
C LYS A 81 6.37 -14.54 -1.78
N LYS A 82 6.19 -15.51 -0.88
CA LYS A 82 6.23 -16.90 -1.25
C LYS A 82 4.98 -17.23 -2.09
N TRP A 83 3.81 -16.64 -1.73
CA TRP A 83 2.58 -16.84 -2.50
C TRP A 83 2.76 -16.30 -3.88
N ALA A 84 3.32 -15.11 -3.96
CA ALA A 84 3.56 -14.47 -5.22
C ALA A 84 4.56 -15.21 -6.10
N LYS A 85 5.58 -15.74 -5.50
CA LYS A 85 6.50 -16.64 -6.22
C LYS A 85 5.80 -17.90 -6.80
N MET A 86 4.95 -18.54 -6.00
CA MET A 86 4.24 -19.73 -6.43
C MET A 86 3.38 -19.44 -7.65
N ALA A 87 2.71 -18.29 -7.60
CA ALA A 87 1.88 -17.82 -8.69
C ALA A 87 2.70 -17.51 -9.94
N LYS A 88 3.86 -16.88 -9.74
CA LYS A 88 4.73 -16.53 -10.86
C LYS A 88 5.21 -17.80 -11.51
N GLU A 89 5.68 -18.77 -10.74
CA GLU A 89 6.10 -20.03 -11.26
C GLU A 89 5.04 -20.82 -12.00
N MET A 90 3.80 -20.75 -11.52
CA MET A 90 2.66 -21.42 -12.17
C MET A 90 2.39 -20.82 -13.58
N GLY A 91 2.87 -19.59 -13.81
CA GLY A 91 2.59 -18.90 -15.06
C GLY A 91 1.33 -18.04 -14.99
N THR A 92 0.79 -17.83 -13.79
CA THR A 92 -0.41 -17.01 -13.71
C THR A 92 -0.05 -15.54 -13.91
N LYS A 93 -0.91 -14.80 -14.60
CA LYS A 93 -0.70 -13.41 -14.84
C LYS A 93 -1.53 -12.54 -13.93
N TYR A 94 -2.51 -13.12 -13.26
CA TYR A 94 -3.29 -12.41 -12.26
C TYR A 94 -3.80 -13.38 -11.20
N VAL A 95 -4.28 -12.80 -10.11
CA VAL A 95 -4.87 -13.55 -9.00
C VAL A 95 -6.07 -12.79 -8.54
N LYS A 96 -7.16 -13.53 -8.34
CA LYS A 96 -8.39 -13.06 -7.78
C LYS A 96 -8.42 -13.51 -6.34
N ILE A 97 -8.78 -12.62 -5.40
CA ILE A 97 -8.69 -12.92 -3.97
C ILE A 97 -10.02 -12.64 -3.32
N THR A 98 -10.52 -13.59 -2.52
CA THR A 98 -11.71 -13.34 -1.69
C THR A 98 -11.33 -12.27 -0.63
N THR A 99 -11.75 -11.04 -0.83
CA THR A 99 -11.55 -10.00 0.14
C THR A 99 -12.49 -10.27 1.32
N LYS A 100 -13.69 -10.72 0.97
CA LYS A 100 -14.75 -11.07 1.93
C LYS A 100 -15.71 -12.05 1.26
N HIS A 101 -15.93 -13.21 1.88
CA HIS A 101 -16.87 -14.20 1.37
C HIS A 101 -18.19 -14.05 2.14
N HIS A 102 -19.13 -14.96 1.90
CA HIS A 102 -20.52 -14.78 2.49
C HIS A 102 -20.47 -14.66 4.01
N GLU A 103 -19.52 -15.35 4.64
CA GLU A 103 -19.33 -15.29 6.10
C GLU A 103 -19.08 -13.84 6.60
N GLY A 104 -18.46 -12.99 5.76
CA GLY A 104 -18.36 -11.58 6.08
C GLY A 104 -17.08 -11.14 6.77
N PHE A 105 -16.20 -12.09 7.01
CA PHE A 105 -14.90 -11.83 7.53
C PHE A 105 -14.07 -11.23 6.42
N CYS A 106 -13.46 -10.09 6.70
CA CYS A 106 -12.71 -9.30 5.74
C CYS A 106 -11.23 -9.58 5.85
N LEU A 107 -10.57 -9.80 4.73
CA LEU A 107 -9.10 -9.98 4.78
C LEU A 107 -8.31 -8.67 4.81
N TRP A 108 -9.01 -7.54 4.91
CA TRP A 108 -8.34 -6.23 5.02
C TRP A 108 -8.98 -5.58 6.25
N PRO A 109 -8.27 -4.63 6.88
CA PRO A 109 -8.76 -4.11 8.17
C PRO A 109 -9.87 -3.10 8.02
N SER A 110 -11.02 -3.57 7.58
CA SER A 110 -12.12 -2.67 7.32
C SER A 110 -12.49 -1.93 8.58
N LYS A 111 -12.70 -0.63 8.40
CA LYS A 111 -13.21 0.18 9.50
C LYS A 111 -14.71 0.09 9.61
N TYR A 112 -15.40 -0.58 8.69
CA TYR A 112 -16.85 -0.65 8.81
C TYR A 112 -17.44 -1.85 9.50
N THR A 113 -16.59 -2.74 10.01
CA THR A 113 -17.06 -3.91 10.74
C THR A 113 -15.92 -4.29 11.61
N LYS A 114 -16.22 -4.95 12.72
CA LYS A 114 -15.11 -5.55 13.53
C LYS A 114 -14.71 -6.97 13.07
N TYR A 115 -15.44 -7.57 12.13
CA TYR A 115 -15.08 -8.92 11.68
C TYR A 115 -13.99 -8.90 10.60
N THR A 116 -12.78 -8.63 11.02
CA THR A 116 -11.71 -8.43 10.08
C THR A 116 -10.46 -9.01 10.66
N VAL A 117 -9.45 -9.10 9.79
CA VAL A 117 -8.14 -9.53 10.18
C VAL A 117 -7.47 -8.76 11.33
N ALA A 118 -7.82 -7.49 11.46
CA ALA A 118 -7.22 -6.64 12.49
C ALA A 118 -7.59 -7.20 13.87
N ASN A 119 -8.77 -7.79 14.01
CA ASN A 119 -9.19 -8.35 15.27
C ASN A 119 -8.97 -9.83 15.42
N THR A 120 -7.80 -10.31 15.02
CA THR A 120 -7.42 -11.68 15.15
C THR A 120 -6.04 -11.69 15.76
N PRO A 121 -5.61 -12.86 16.26
CA PRO A 121 -4.25 -12.83 16.73
C PRO A 121 -3.26 -12.39 15.68
N TYR A 122 -3.52 -12.58 14.40
CA TYR A 122 -2.48 -12.34 13.39
C TYR A 122 -2.33 -10.89 13.10
N LYS A 123 -3.45 -10.16 13.19
CA LYS A 123 -3.52 -8.70 13.11
C LYS A 123 -3.29 -8.13 11.73
N ARG A 124 -2.41 -8.74 10.97
CA ARG A 124 -1.93 -8.11 9.72
C ARG A 124 -2.94 -8.06 8.53
N ASP A 125 -2.76 -7.05 7.68
CA ASP A 125 -3.56 -6.83 6.51
C ASP A 125 -3.10 -7.84 5.45
N ILE A 126 -3.67 -9.03 5.52
CA ILE A 126 -3.39 -10.05 4.55
C ILE A 126 -3.57 -9.55 3.11
N LEU A 127 -4.67 -8.86 2.86
CA LEU A 127 -4.97 -8.42 1.50
C LEU A 127 -3.92 -7.42 0.99
N GLY A 128 -3.59 -6.44 1.85
CA GLY A 128 -2.55 -5.47 1.52
C GLY A 128 -1.23 -6.12 1.18
N GLU A 129 -0.87 -7.16 1.92
CA GLU A 129 0.43 -7.80 1.71
C GLU A 129 0.42 -8.58 0.41
N LEU A 130 -0.71 -9.23 0.11
CA LEU A 130 -0.82 -9.98 -1.14
C LEU A 130 -0.80 -9.01 -2.31
N VAL A 131 -1.52 -7.90 -2.18
CA VAL A 131 -1.52 -6.93 -3.30
C VAL A 131 -0.09 -6.52 -3.71
N LYS A 132 0.70 -6.16 -2.70
CA LYS A 132 2.05 -5.68 -2.87
C LYS A 132 2.91 -6.75 -3.45
N ALA A 133 2.84 -7.94 -2.85
CA ALA A 133 3.66 -9.07 -3.25
C ALA A 133 3.39 -9.56 -4.66
N TYR A 134 2.12 -9.67 -5.02
CA TYR A 134 1.78 -10.04 -6.41
C TYR A 134 2.21 -8.92 -7.34
N ASN A 135 1.82 -7.69 -7.05
CA ASN A 135 2.23 -6.54 -7.88
C ASN A 135 3.76 -6.51 -8.06
N ASP A 136 4.56 -6.80 -7.04
CA ASP A 136 6.03 -6.79 -7.24
C ASP A 136 6.50 -7.89 -8.20
N GLU A 137 5.70 -8.93 -8.39
CA GLU A 137 6.03 -9.92 -9.37
C GLU A 137 5.43 -9.58 -10.73
N GLY A 138 4.85 -8.41 -10.88
CA GLY A 138 4.24 -8.03 -12.15
C GLY A 138 2.90 -8.75 -12.37
N ILE A 139 2.29 -9.25 -11.29
CA ILE A 139 1.00 -9.90 -11.31
C ILE A 139 -0.16 -8.99 -10.91
N ASP A 140 -1.17 -8.89 -11.80
CA ASP A 140 -2.41 -8.14 -11.55
C ASP A 140 -3.24 -8.77 -10.46
N VAL A 141 -3.98 -7.95 -9.73
CA VAL A 141 -4.76 -8.47 -8.66
C VAL A 141 -6.21 -8.04 -8.83
N HIS A 142 -7.14 -8.99 -8.60
CA HIS A 142 -8.56 -8.79 -8.79
C HIS A 142 -9.20 -9.14 -7.45
N PHE A 143 -10.30 -8.49 -7.10
CA PHE A 143 -10.94 -8.67 -5.81
C PHE A 143 -12.28 -9.37 -5.96
N TYR A 144 -12.41 -10.57 -5.41
CA TYR A 144 -13.69 -11.17 -5.19
C TYR A 144 -14.31 -10.43 -3.99
N PHE A 145 -15.60 -10.11 -4.11
CA PHE A 145 -16.42 -9.56 -3.06
C PHE A 145 -17.82 -10.16 -3.02
N SER A 146 -18.23 -10.71 -1.87
CA SER A 146 -19.61 -11.17 -1.67
C SER A 146 -20.52 -10.10 -1.12
N VAL A 147 -21.53 -9.74 -1.90
CA VAL A 147 -22.49 -8.80 -1.45
C VAL A 147 -23.25 -9.41 -0.29
N MET A 148 -23.79 -10.62 -0.47
CA MET A 148 -24.43 -11.40 0.60
C MET A 148 -23.48 -11.49 1.76
N ASP A 149 -23.96 -11.19 2.96
CA ASP A 149 -23.03 -11.07 4.13
C ASP A 149 -23.76 -11.60 5.36
N TRP A 150 -23.41 -12.82 5.72
CA TRP A 150 -24.01 -13.51 6.85
C TRP A 150 -23.60 -12.96 8.22
N SER A 151 -22.71 -11.95 8.24
CA SER A 151 -22.22 -11.32 9.51
C SER A 151 -22.96 -10.04 9.86
N ASN A 152 -23.75 -9.50 8.91
CA ASN A 152 -24.45 -8.24 9.07
C ASN A 152 -25.99 -8.40 9.12
N PRO A 153 -26.59 -8.13 10.30
CA PRO A 153 -28.02 -8.33 10.52
C PRO A 153 -28.89 -7.49 9.63
N ASP A 154 -28.34 -6.41 9.05
CA ASP A 154 -29.09 -5.62 8.09
C ASP A 154 -29.32 -6.34 6.76
N TYR A 155 -28.58 -7.42 6.47
CA TYR A 155 -28.76 -8.13 5.20
C TYR A 155 -30.13 -8.74 5.15
N ARG A 156 -30.74 -8.73 3.97
CA ARG A 156 -31.99 -9.39 3.75
C ARG A 156 -31.94 -10.18 2.44
N TYR A 157 -32.58 -11.34 2.46
CA TYR A 157 -32.74 -12.18 1.28
C TYR A 157 -33.83 -11.65 0.39
N ASP A 158 -34.92 -11.15 1.00
CA ASP A 158 -35.97 -10.48 0.26
C ASP A 158 -36.44 -9.27 1.01
N ILE A 159 -37.19 -8.39 0.34
CA ILE A 159 -37.82 -7.25 0.99
C ILE A 159 -39.33 -7.45 1.10
N LYS A 160 -39.83 -7.73 2.30
CA LYS A 160 -41.22 -8.08 2.48
C LYS A 160 -41.96 -7.05 3.37
N SER A 161 -41.37 -5.86 3.60
CA SER A 161 -41.84 -4.92 4.67
C SER A 161 -41.01 -3.64 4.69
N LYS A 162 -41.51 -2.58 5.32
CA LYS A 162 -40.74 -1.36 5.47
C LYS A 162 -39.46 -1.64 6.27
N GLU A 163 -39.57 -2.44 7.32
CA GLU A 163 -38.44 -2.73 8.18
C GLU A 163 -37.30 -3.42 7.41
N ASP A 164 -37.67 -4.34 6.54
CA ASP A 164 -36.70 -4.95 5.60
C ASP A 164 -36.04 -3.93 4.72
N SER A 165 -36.88 -3.09 4.17
CA SER A 165 -36.46 -2.14 3.19
C SER A 165 -35.56 -1.10 3.79
N ILE A 166 -35.86 -0.70 5.02
CA ILE A 166 -34.97 0.20 5.74
C ILE A 166 -33.63 -0.45 6.09
N ALA A 167 -33.72 -1.67 6.59
CA ALA A 167 -32.52 -2.42 6.96
C ALA A 167 -31.62 -2.58 5.74
N PHE A 168 -32.22 -2.87 4.60
CA PHE A 168 -31.47 -3.18 3.41
C PHE A 168 -30.81 -1.96 2.85
N SER A 169 -31.36 -0.78 3.08
CA SER A 169 -30.72 0.45 2.56
C SER A 169 -29.45 0.70 3.30
N ARG A 170 -29.52 0.41 4.60
CA ARG A 170 -28.37 0.58 5.49
C ARG A 170 -27.31 -0.45 5.07
N PHE A 171 -27.78 -1.67 4.76
CA PHE A 171 -26.87 -2.68 4.25
C PHE A 171 -26.15 -2.26 2.98
N LEU A 172 -26.88 -1.66 2.04
CA LEU A 172 -26.29 -1.19 0.77
C LEU A 172 -25.29 -0.08 1.02
N GLU A 173 -25.53 0.72 2.05
CA GLU A 173 -24.65 1.82 2.35
C GLU A 173 -23.31 1.33 2.86
N PHE A 174 -23.44 0.41 3.82
CA PHE A 174 -22.33 -0.37 4.36
C PHE A 174 -21.49 -1.08 3.27
N THR A 175 -22.21 -1.67 2.32
CA THR A 175 -21.56 -2.33 1.20
C THR A 175 -20.77 -1.29 0.38
N ASP A 176 -21.40 -0.18 0.07
CA ASP A 176 -20.71 0.91 -0.66
C ASP A 176 -19.51 1.36 0.12
N ASN A 177 -19.64 1.53 1.43
CA ASN A 177 -18.46 1.94 2.19
C ASN A 177 -17.29 1.00 2.10
N GLN A 178 -17.54 -0.31 2.23
CA GLN A 178 -16.50 -1.32 2.08
C GLN A 178 -15.85 -1.29 0.69
N LEU A 179 -16.65 -1.17 -0.35
CA LEU A 179 -16.12 -1.19 -1.71
C LEU A 179 -15.27 0.03 -1.98
N LYS A 180 -15.71 1.21 -1.51
CA LYS A 180 -14.89 2.43 -1.60
C LYS A 180 -13.57 2.24 -0.90
N GLU A 181 -13.61 1.61 0.27
CA GLU A 181 -12.41 1.38 1.07
C GLU A 181 -11.45 0.50 0.28
N LEU A 182 -11.99 -0.56 -0.33
CA LEU A 182 -11.14 -1.48 -1.10
C LEU A 182 -10.50 -0.75 -2.24
N ALA A 183 -11.29 0.03 -2.92
CA ALA A 183 -10.83 0.70 -4.12
C ALA A 183 -9.77 1.79 -3.84
N THR A 184 -9.80 2.36 -2.65
CA THR A 184 -8.90 3.47 -2.30
C THR A 184 -7.70 2.99 -1.55
N ARG A 185 -7.88 2.02 -0.66
CA ARG A 185 -6.72 1.38 -0.04
C ARG A 185 -5.83 0.60 -0.99
N TYR A 186 -6.39 0.01 -2.04
CA TYR A 186 -5.66 -0.91 -2.91
C TYR A 186 -5.86 -0.43 -4.30
N PRO A 187 -5.36 0.79 -4.58
CA PRO A 187 -5.57 1.42 -5.87
C PRO A 187 -5.02 0.70 -7.10
N THR A 188 -4.12 -0.24 -6.98
CA THR A 188 -3.70 -1.05 -8.13
C THR A 188 -4.64 -2.22 -8.54
N VAL A 189 -5.77 -2.36 -7.86
CA VAL A 189 -6.74 -3.41 -8.14
C VAL A 189 -7.21 -3.29 -9.58
N LYS A 190 -7.28 -4.39 -10.34
CA LYS A 190 -7.74 -4.34 -11.76
C LYS A 190 -9.16 -4.79 -12.05
N ASP A 191 -9.81 -5.40 -11.07
CA ASP A 191 -11.10 -6.01 -11.29
C ASP A 191 -11.82 -6.26 -9.97
N PHE A 192 -13.15 -6.07 -9.99
CA PHE A 192 -14.01 -6.54 -8.90
C PHE A 192 -14.94 -7.59 -9.45
N TRP A 193 -14.92 -8.75 -8.79
CA TRP A 193 -15.67 -9.91 -9.16
C TRP A 193 -16.70 -10.09 -8.08
N PHE A 194 -17.94 -9.74 -8.36
CA PHE A 194 -18.95 -9.86 -7.36
C PHE A 194 -19.54 -11.27 -7.30
N ASP A 195 -19.94 -11.66 -6.08
CA ASP A 195 -20.67 -12.89 -5.85
C ASP A 195 -21.81 -12.57 -4.88
N GLY A 196 -22.71 -13.54 -4.69
CA GLY A 196 -23.84 -13.37 -3.77
C GLY A 196 -24.71 -12.19 -4.08
N THR A 197 -25.08 -12.11 -5.35
CA THR A 197 -25.97 -11.08 -5.87
C THR A 197 -27.29 -11.65 -6.44
N TRP A 198 -27.58 -12.93 -6.17
CA TRP A 198 -28.74 -13.62 -6.73
C TRP A 198 -30.04 -13.49 -5.88
N ASP A 199 -29.96 -13.05 -4.62
CA ASP A 199 -31.19 -12.92 -3.82
C ASP A 199 -32.15 -11.89 -4.39
N ALA A 200 -33.45 -12.11 -4.12
CA ALA A 200 -34.55 -11.23 -4.56
C ALA A 200 -34.32 -9.79 -4.10
N SER A 201 -33.69 -9.60 -2.94
CA SER A 201 -33.37 -8.24 -2.43
C SER A 201 -32.50 -7.50 -3.41
N VAL A 202 -31.45 -8.16 -3.90
CA VAL A 202 -30.55 -7.55 -4.85
C VAL A 202 -31.23 -7.40 -6.23
N LYS A 203 -31.89 -8.47 -6.70
CA LYS A 203 -32.64 -8.42 -7.96
C LYS A 203 -33.63 -7.27 -7.99
N LYS A 204 -34.33 -7.05 -6.87
CA LYS A 204 -35.22 -5.87 -6.74
C LYS A 204 -34.50 -4.51 -6.64
N ASN A 205 -33.17 -4.49 -6.62
CA ASN A 205 -32.42 -3.23 -6.58
C ASN A 205 -31.27 -3.14 -7.60
N GLY A 206 -31.58 -3.52 -8.84
CA GLY A 206 -30.64 -3.40 -9.93
C GLY A 206 -29.95 -2.06 -10.00
N TRP A 207 -30.70 -1.00 -9.70
CA TRP A 207 -30.17 0.38 -9.72
C TRP A 207 -28.88 0.36 -8.91
N TRP A 208 -28.87 -0.38 -7.79
CA TRP A 208 -27.70 -0.39 -6.89
C TRP A 208 -26.46 -1.05 -7.57
N THR A 209 -26.72 -2.12 -8.34
CA THR A 209 -25.69 -2.85 -9.09
C THR A 209 -25.05 -1.96 -10.15
N ALA A 210 -25.87 -1.21 -10.87
CA ALA A 210 -25.33 -0.21 -11.82
C ALA A 210 -24.56 0.88 -11.12
N HIS A 211 -25.03 1.27 -9.95
CA HIS A 211 -24.36 2.34 -9.20
C HIS A 211 -23.00 1.85 -8.69
N ALA A 212 -23.00 0.62 -8.18
CA ALA A 212 -21.76 -0.01 -7.73
C ALA A 212 -20.70 -0.10 -8.84
N GLU A 213 -21.10 -0.58 -10.02
CA GLU A 213 -20.21 -0.60 -11.16
C GLU A 213 -19.68 0.81 -11.50
N GLN A 214 -20.58 1.80 -11.55
CA GLN A 214 -20.21 3.18 -11.94
C GLN A 214 -19.22 3.78 -10.93
N MET A 215 -19.63 3.72 -9.68
CA MET A 215 -18.81 4.19 -8.56
C MET A 215 -17.41 3.64 -8.60
N LEU A 216 -17.30 2.33 -8.82
CA LEU A 216 -15.99 1.72 -8.86
C LEU A 216 -15.15 2.11 -10.07
N LYS A 217 -15.81 2.23 -11.22
CA LYS A 217 -15.13 2.70 -12.40
C LYS A 217 -14.59 4.15 -12.26
N GLU A 218 -15.33 5.01 -11.54
CA GLU A 218 -14.83 6.36 -11.19
C GLU A 218 -13.61 6.34 -10.27
N LEU A 219 -13.61 5.46 -9.27
CA LEU A 219 -12.51 5.37 -8.34
C LEU A 219 -11.29 4.65 -8.84
N VAL A 220 -11.46 3.73 -9.77
CA VAL A 220 -10.33 2.93 -10.27
C VAL A 220 -10.34 2.92 -11.82
N PRO A 221 -9.49 3.76 -12.40
CA PRO A 221 -9.58 3.91 -13.83
C PRO A 221 -9.28 2.61 -14.54
N GLY A 222 -10.12 2.21 -15.50
CA GLY A 222 -9.87 0.98 -16.27
C GLY A 222 -10.34 -0.28 -15.58
N VAL A 223 -10.92 -0.16 -14.39
CA VAL A 223 -11.22 -1.39 -13.61
C VAL A 223 -12.24 -2.21 -14.39
N ALA A 224 -12.18 -3.51 -14.25
CA ALA A 224 -13.16 -4.37 -14.85
C ALA A 224 -14.14 -4.82 -13.77
N ILE A 225 -15.38 -5.08 -14.19
CA ILE A 225 -16.45 -5.49 -13.30
C ILE A 225 -17.15 -6.67 -13.97
N ASN A 226 -17.43 -7.72 -13.20
CA ASN A 226 -18.00 -8.94 -13.77
C ASN A 226 -19.51 -8.85 -13.95
N SER A 227 -20.03 -9.74 -14.79
CA SER A 227 -21.44 -9.70 -15.13
C SER A 227 -22.28 -10.13 -13.95
N ARG A 228 -21.73 -10.93 -13.05
CA ARG A 228 -22.55 -11.48 -11.98
C ARG A 228 -23.00 -10.38 -10.98
N LEU A 229 -22.32 -9.23 -10.99
CA LEU A 229 -22.77 -8.11 -10.14
C LEU A 229 -24.19 -7.72 -10.48
N ARG A 230 -24.44 -7.70 -11.79
CA ARG A 230 -25.41 -6.87 -12.39
C ARG A 230 -26.79 -7.47 -12.63
N ALA A 231 -27.78 -6.66 -12.24
CA ALA A 231 -29.22 -6.87 -12.45
C ALA A 231 -29.79 -5.57 -13.05
N ASP A 232 -30.67 -5.73 -14.06
CA ASP A 232 -31.30 -4.56 -14.69
C ASP A 232 -32.59 -4.19 -13.93
N ASP A 233 -33.32 -3.21 -14.49
CA ASP A 233 -34.61 -2.66 -13.97
C ASP A 233 -35.62 -3.77 -13.74
N LYS A 234 -35.62 -4.78 -14.59
CA LYS A 234 -36.55 -5.90 -14.45
C LYS A 234 -36.03 -7.03 -13.55
N GLY A 235 -34.84 -6.86 -12.96
CA GLY A 235 -34.26 -7.90 -12.12
C GLY A 235 -33.55 -9.00 -12.90
N LYS A 236 -33.34 -8.83 -14.20
CA LYS A 236 -32.65 -9.87 -14.98
C LYS A 236 -31.14 -9.68 -14.78
N ARG A 237 -30.42 -10.80 -14.64
CA ARG A 237 -29.03 -10.78 -14.19
C ARG A 237 -28.06 -11.22 -15.29
N HIS A 238 -26.81 -10.76 -15.20
CA HIS A 238 -25.77 -10.99 -16.26
C HIS A 238 -26.01 -10.34 -17.64
N PHE A 239 -27.07 -10.76 -18.31
CA PHE A 239 -27.55 -10.13 -19.56
C PHE A 239 -28.84 -9.37 -19.24
N ASP A 240 -28.94 -8.15 -19.72
CA ASP A 240 -30.13 -7.33 -19.46
C ASP A 240 -31.35 -7.86 -20.28
N SER A 241 -32.49 -7.19 -20.13
CA SER A 241 -33.76 -7.67 -20.68
C SER A 241 -33.80 -7.54 -22.19
N ASN A 242 -32.82 -6.84 -22.78
CA ASN A 242 -32.63 -6.85 -24.21
C ASN A 242 -31.53 -7.82 -24.64
N GLY A 243 -31.18 -8.78 -23.78
CA GLY A 243 -30.05 -9.69 -24.10
C GLY A 243 -28.65 -9.09 -24.16
N ARG A 244 -28.43 -7.87 -23.68
CA ARG A 244 -27.08 -7.31 -23.73
C ARG A 244 -26.31 -7.60 -22.44
N LEU A 245 -25.07 -8.05 -22.60
CA LEU A 245 -24.18 -8.32 -21.49
C LEU A 245 -23.97 -7.09 -20.60
N MET A 246 -24.25 -7.21 -19.30
CA MET A 246 -23.91 -6.17 -18.32
C MET A 246 -22.52 -6.45 -17.67
N GLY A 247 -21.91 -5.41 -17.11
CA GLY A 247 -20.52 -5.46 -16.72
C GLY A 247 -19.63 -5.52 -17.96
N ASP A 248 -18.36 -5.89 -17.78
CA ASP A 248 -17.34 -5.87 -18.82
C ASP A 248 -16.98 -7.21 -19.44
N TYR A 249 -17.45 -8.29 -18.82
CA TYR A 249 -17.11 -9.64 -19.26
C TYR A 249 -18.06 -10.60 -18.60
N GLU A 250 -18.31 -11.73 -19.25
CA GLU A 250 -19.26 -12.70 -18.69
C GLU A 250 -18.55 -13.59 -17.75
N SER A 251 -19.09 -13.73 -16.54
CA SER A 251 -18.51 -14.64 -15.58
C SER A 251 -19.47 -15.78 -15.32
N GLY A 252 -19.03 -16.98 -15.68
CA GLY A 252 -19.83 -18.19 -15.53
C GLY A 252 -18.95 -19.41 -15.81
N TYR A 253 -19.57 -20.42 -16.36
CA TYR A 253 -18.87 -21.62 -16.83
C TYR A 253 -18.00 -22.31 -15.77
N GLU A 254 -18.36 -22.01 -14.51
CA GLU A 254 -17.85 -22.71 -13.33
C GLU A 254 -18.00 -24.24 -13.42
N ARG A 255 -19.16 -24.78 -13.78
CA ARG A 255 -19.27 -26.29 -13.91
C ARG A 255 -18.79 -26.80 -15.29
N ARG A 256 -19.33 -26.20 -16.35
CA ARG A 256 -19.06 -26.61 -17.70
C ARG A 256 -18.64 -25.40 -18.54
N LEU A 257 -17.57 -25.56 -19.32
CA LEU A 257 -17.15 -24.56 -20.31
C LEU A 257 -18.06 -24.54 -21.54
N PRO A 258 -18.07 -23.44 -22.29
CA PRO A 258 -18.87 -23.41 -23.50
C PRO A 258 -18.48 -24.52 -24.44
N ASP A 259 -19.48 -25.08 -25.10
CA ASP A 259 -19.23 -26.14 -26.05
C ASP A 259 -18.44 -25.64 -27.24
N PRO A 260 -17.37 -26.32 -27.62
CA PRO A 260 -16.58 -25.78 -28.78
C PRO A 260 -17.26 -25.79 -30.20
N VAL A 261 -18.46 -26.36 -30.32
CA VAL A 261 -19.19 -26.40 -31.59
C VAL A 261 -20.45 -25.57 -31.51
N LYS A 262 -21.20 -25.75 -30.45
CA LYS A 262 -22.50 -25.10 -30.34
C LYS A 262 -22.51 -23.76 -29.63
N ASP A 263 -21.46 -23.39 -28.89
CA ASP A 263 -21.50 -22.15 -28.10
C ASP A 263 -20.56 -21.11 -28.59
N LEU A 264 -20.42 -20.97 -29.93
CA LEU A 264 -19.45 -19.99 -30.47
C LEU A 264 -19.93 -18.59 -30.26
N LYS A 265 -21.17 -18.42 -29.82
CA LYS A 265 -21.65 -17.07 -29.48
C LYS A 265 -20.70 -16.38 -28.45
N VAL A 266 -20.06 -17.14 -27.56
CA VAL A 266 -19.22 -16.53 -26.51
C VAL A 266 -18.04 -15.77 -27.06
N THR A 267 -17.69 -15.98 -28.33
CA THR A 267 -16.46 -15.39 -28.89
C THR A 267 -16.65 -13.94 -29.14
N GLN A 268 -17.91 -13.54 -29.01
CA GLN A 268 -18.34 -12.19 -29.30
CA GLN A 268 -18.30 -12.21 -29.33
C GLN A 268 -18.18 -11.30 -28.08
N TRP A 269 -17.99 -11.87 -26.89
CA TRP A 269 -17.73 -11.02 -25.72
C TRP A 269 -16.57 -11.58 -24.86
N ASP A 270 -15.98 -10.70 -24.04
CA ASP A 270 -15.01 -11.18 -23.05
C ASP A 270 -15.71 -12.01 -22.01
N TRP A 271 -15.06 -13.08 -21.60
CA TRP A 271 -15.60 -13.93 -20.56
C TRP A 271 -14.49 -14.62 -19.80
N GLU A 272 -14.85 -15.11 -18.64
CA GLU A 272 -13.87 -15.73 -17.75
C GLU A 272 -14.51 -16.86 -16.99
N ALA A 273 -13.91 -18.05 -17.08
CA ALA A 273 -14.33 -19.18 -16.30
C ALA A 273 -13.41 -19.32 -15.10
N CYS A 274 -14.00 -19.76 -14.02
CA CYS A 274 -13.26 -20.06 -12.81
CA CYS A 274 -13.21 -20.10 -12.84
C CYS A 274 -13.58 -21.52 -12.46
N MET A 275 -12.56 -22.31 -12.07
CA MET A 275 -12.77 -23.72 -11.75
C MET A 275 -12.10 -24.13 -10.46
N THR A 276 -12.75 -25.06 -9.79
CA THR A 276 -12.17 -25.78 -8.67
C THR A 276 -11.37 -27.02 -9.11
N ILE A 277 -10.48 -27.43 -8.25
CA ILE A 277 -9.67 -28.61 -8.52
C ILE A 277 -10.48 -29.88 -8.19
N PRO A 278 -11.07 -29.96 -6.97
CA PRO A 278 -12.10 -30.96 -6.73
C PRO A 278 -13.32 -30.58 -7.50
N GLU A 279 -14.43 -31.30 -7.31
CA GLU A 279 -15.67 -31.01 -8.06
CA GLU A 279 -15.66 -31.02 -8.05
C GLU A 279 -16.26 -29.71 -7.58
N ASN A 280 -16.33 -29.52 -6.29
CA ASN A 280 -16.96 -28.32 -5.79
C ASN A 280 -16.45 -27.88 -4.38
N GLN A 281 -15.14 -27.68 -4.26
CA GLN A 281 -14.54 -27.11 -3.06
C GLN A 281 -13.72 -25.86 -3.46
N TRP A 282 -14.10 -24.68 -2.97
CA TRP A 282 -13.34 -23.45 -3.22
C TRP A 282 -12.48 -23.13 -2.01
N GLY A 283 -13.11 -22.99 -0.86
CA GLY A 283 -12.32 -22.93 0.39
C GLY A 283 -11.63 -24.25 0.70
N TYR A 284 -10.63 -24.19 1.56
CA TYR A 284 -9.96 -25.34 2.04
C TYR A 284 -10.93 -26.36 2.71
N HIS A 285 -10.87 -27.59 2.22
CA HIS A 285 -11.64 -28.70 2.77
C HIS A 285 -10.64 -29.79 3.05
N LYS A 286 -10.66 -30.31 4.28
CA LYS A 286 -9.68 -31.29 4.67
C LYS A 286 -9.73 -32.66 3.97
N ASP A 287 -10.83 -33.04 3.38
CA ASP A 287 -10.92 -34.36 2.82
C ASP A 287 -11.21 -34.34 1.33
N TRP A 288 -10.19 -34.43 0.50
CA TRP A 288 -10.38 -34.32 -0.96
C TRP A 288 -10.81 -35.63 -1.60
N SER A 289 -10.93 -36.68 -0.78
CA SER A 289 -11.40 -38.01 -1.27
C SER A 289 -12.89 -38.04 -1.45
N LEU A 290 -13.61 -37.00 -1.06
CA LEU A 290 -15.08 -37.00 -1.17
C LEU A 290 -15.66 -36.73 -2.57
N SER A 291 -14.83 -36.22 -3.50
CA SER A 291 -15.28 -35.93 -4.84
C SER A 291 -14.11 -36.09 -5.78
N TYR A 292 -14.39 -36.06 -7.07
CA TYR A 292 -13.35 -36.26 -8.06
C TYR A 292 -12.41 -35.09 -8.06
N VAL A 293 -11.13 -35.39 -8.18
CA VAL A 293 -10.08 -34.37 -8.19
C VAL A 293 -9.34 -34.34 -9.53
N LYS A 294 -9.34 -33.19 -10.17
CA LYS A 294 -8.83 -33.08 -11.52
C LYS A 294 -7.32 -33.22 -11.52
N THR A 295 -6.80 -33.87 -12.51
CA THR A 295 -5.36 -33.98 -12.67
C THR A 295 -4.88 -32.74 -13.41
N PRO A 296 -3.58 -32.48 -13.39
CA PRO A 296 -3.05 -31.28 -14.10
C PRO A 296 -3.43 -31.18 -15.59
N ILE A 297 -3.35 -32.29 -16.32
CA ILE A 297 -3.73 -32.31 -17.73
C ILE A 297 -5.20 -32.02 -17.86
N GLU A 298 -6.02 -32.55 -17.01
CA GLU A 298 -7.43 -32.08 -17.05
C GLU A 298 -7.59 -30.58 -16.89
N VAL A 299 -6.82 -29.97 -16.00
CA VAL A 299 -6.93 -28.56 -15.79
C VAL A 299 -6.34 -27.82 -16.99
N ILE A 300 -5.22 -28.23 -17.52
CA ILE A 300 -4.64 -27.59 -18.67
C ILE A 300 -5.55 -27.62 -19.89
N ASP A 301 -6.18 -28.76 -20.11
CA ASP A 301 -7.22 -28.86 -21.14
C ASP A 301 -8.27 -27.78 -20.98
N ARG A 302 -8.73 -27.55 -19.77
CA ARG A 302 -9.75 -26.55 -19.52
CA ARG A 302 -9.75 -26.54 -19.53
C ARG A 302 -9.22 -25.14 -19.79
N ILE A 303 -7.99 -24.87 -19.39
CA ILE A 303 -7.39 -23.58 -19.65
C ILE A 303 -7.31 -23.32 -21.16
N VAL A 304 -6.81 -24.27 -21.91
CA VAL A 304 -6.66 -24.05 -23.33
C VAL A 304 -8.02 -23.93 -23.99
N HIS A 305 -8.96 -24.69 -23.50
CA HIS A 305 -10.32 -24.73 -24.06
C HIS A 305 -10.88 -23.38 -23.94
N ALA A 306 -10.72 -22.75 -22.77
CA ALA A 306 -11.22 -21.37 -22.64
C ALA A 306 -10.57 -20.38 -23.59
N VAL A 307 -9.27 -20.42 -23.73
CA VAL A 307 -8.57 -19.50 -24.62
C VAL A 307 -8.96 -19.73 -26.09
N SER A 308 -9.16 -21.00 -26.46
CA SER A 308 -9.59 -21.36 -27.84
C SER A 308 -10.92 -20.79 -28.14
N MET A 309 -11.68 -20.43 -27.11
CA MET A 309 -12.99 -19.77 -27.33
C MET A 309 -13.05 -18.31 -26.87
N GLY A 310 -11.88 -17.66 -26.79
CA GLY A 310 -11.80 -16.24 -26.47
C GLY A 310 -12.04 -15.88 -25.03
N GLY A 311 -11.78 -16.83 -24.14
CA GLY A 311 -12.04 -16.66 -22.68
C GLY A 311 -10.79 -16.86 -21.81
N ASN A 312 -10.83 -16.28 -20.61
CA ASN A 312 -9.82 -16.50 -19.57
C ASN A 312 -10.25 -17.67 -18.72
N MET A 313 -9.26 -18.33 -18.11
CA MET A 313 -9.49 -19.37 -17.17
C MET A 313 -8.75 -19.06 -15.87
N VAL A 314 -9.45 -19.30 -14.76
CA VAL A 314 -8.90 -19.05 -13.44
C VAL A 314 -8.93 -20.34 -12.59
N VAL A 315 -7.77 -20.78 -12.07
CA VAL A 315 -7.72 -22.00 -11.31
C VAL A 315 -7.69 -21.69 -9.83
N ASN A 316 -8.58 -22.32 -9.07
CA ASN A 316 -8.79 -22.01 -7.68
C ASN A 316 -7.91 -22.75 -6.71
N PHE A 317 -7.54 -22.03 -5.66
CA PHE A 317 -6.73 -22.54 -4.56
C PHE A 317 -7.40 -22.16 -3.28
N GLY A 318 -7.40 -23.08 -2.33
CA GLY A 318 -8.02 -22.88 -1.03
C GLY A 318 -6.96 -23.08 0.03
N PRO A 319 -6.19 -22.04 0.33
CA PRO A 319 -5.04 -22.16 1.26
C PRO A 319 -5.42 -22.69 2.63
N GLN A 320 -4.48 -23.39 3.21
CA GLN A 320 -4.63 -23.88 4.57
C GLN A 320 -4.78 -22.74 5.57
N ALA A 321 -5.37 -23.07 6.70
CA ALA A 321 -5.43 -22.16 7.85
C ALA A 321 -4.06 -21.66 8.27
N ASP A 322 -3.03 -22.49 8.17
CA ASP A 322 -1.72 -22.09 8.64
C ASP A 322 -1.06 -21.10 7.67
N GLY A 323 -1.70 -20.87 6.52
CA GLY A 323 -1.13 -19.96 5.54
C GLY A 323 -0.18 -20.58 4.53
N ASP A 324 -0.12 -21.89 4.49
CA ASP A 324 0.58 -22.59 3.45
C ASP A 324 -0.47 -23.23 2.47
N PHE A 325 0.03 -23.84 1.41
CA PHE A 325 -0.77 -24.57 0.45
C PHE A 325 -0.62 -26.06 0.60
N ARG A 326 -1.73 -26.78 0.54
CA ARG A 326 -1.68 -28.25 0.55
C ARG A 326 -0.83 -28.83 -0.62
N PRO A 327 -0.31 -30.05 -0.43
CA PRO A 327 0.60 -30.69 -1.42
C PRO A 327 -0.04 -30.83 -2.83
N GLU A 328 -1.34 -31.13 -2.88
CA GLU A 328 -2.00 -31.34 -4.20
C GLU A 328 -1.96 -30.04 -5.00
N GLU A 329 -2.19 -28.91 -4.29
CA GLU A 329 -2.16 -27.60 -4.90
C GLU A 329 -0.75 -27.16 -5.35
N LYS A 330 0.27 -27.46 -4.56
CA LYS A 330 1.64 -27.15 -5.01
C LYS A 330 2.05 -27.98 -6.22
N ALA A 331 1.61 -29.23 -6.22
CA ALA A 331 1.90 -30.11 -7.34
C ALA A 331 1.22 -29.58 -8.58
N MET A 332 -0.04 -29.21 -8.42
CA MET A 332 -0.83 -28.66 -9.53
C MET A 332 -0.19 -27.41 -10.11
N ALA A 333 0.21 -26.48 -9.25
CA ALA A 333 0.79 -25.24 -9.72
C ALA A 333 2.11 -25.51 -10.41
N THR A 334 2.86 -26.44 -9.89
CA THR A 334 4.14 -26.75 -10.51
C THR A 334 3.99 -27.42 -11.87
N ALA A 335 3.04 -28.35 -11.95
CA ALA A 335 2.75 -29.03 -13.24
C ALA A 335 2.34 -28.04 -14.29
N ILE A 336 1.42 -27.18 -13.90
CA ILE A 336 0.93 -26.14 -14.82
C ILE A 336 2.04 -25.21 -15.26
N GLY A 337 2.93 -24.85 -14.34
CA GLY A 337 3.97 -23.89 -14.68
C GLY A 337 4.98 -24.50 -15.63
N LYS A 338 5.29 -25.75 -15.42
CA LYS A 338 6.20 -26.41 -16.36
C LYS A 338 5.57 -26.44 -17.74
N TRP A 339 4.29 -26.79 -17.79
CA TRP A 339 3.63 -26.83 -19.09
C TRP A 339 3.58 -25.44 -19.75
N MET A 340 3.16 -24.43 -18.98
CA MET A 340 3.06 -23.04 -19.47
C MET A 340 4.39 -22.50 -19.92
N ASN A 341 5.44 -22.91 -19.26
CA ASN A 341 6.77 -22.46 -19.63
C ASN A 341 7.21 -23.07 -20.97
N ARG A 342 6.79 -24.28 -21.29
CA ARG A 342 7.04 -24.78 -22.66
C ARG A 342 6.07 -24.29 -23.69
N TYR A 343 4.80 -24.16 -23.33
CA TYR A 343 3.75 -23.96 -24.34
C TYR A 343 2.91 -22.70 -24.21
N GLY A 344 3.27 -21.80 -23.28
CA GLY A 344 2.49 -20.61 -23.05
C GLY A 344 2.38 -19.60 -24.19
N LYS A 345 3.23 -19.69 -25.18
CA LYS A 345 3.09 -18.87 -26.39
C LYS A 345 1.72 -19.09 -27.06
N ALA A 346 1.08 -20.25 -26.82
CA ALA A 346 -0.27 -20.56 -27.38
C ALA A 346 -1.38 -20.24 -26.44
N VAL A 347 -1.06 -19.70 -25.25
CA VAL A 347 -2.09 -19.31 -24.30
C VAL A 347 -2.09 -17.80 -24.09
N TYR A 348 -0.97 -17.26 -23.62
CA TYR A 348 -0.88 -15.81 -23.37
C TYR A 348 -1.18 -15.05 -24.61
N ALA A 349 -2.05 -14.05 -24.46
CA ALA A 349 -2.32 -13.11 -25.53
C ALA A 349 -2.94 -13.76 -26.76
N CYS A 350 -3.56 -14.92 -26.58
CA CYS A 350 -4.18 -15.62 -27.66
C CYS A 350 -5.70 -15.57 -27.59
N ASP A 351 -6.36 -16.05 -28.67
CA ASP A 351 -7.81 -15.87 -28.85
C ASP A 351 -8.37 -16.93 -29.83
N TYR A 352 -9.67 -16.86 -30.03
CA TYR A 352 -10.38 -17.73 -30.97
C TYR A 352 -9.74 -17.66 -32.37
N ALA A 353 -9.47 -18.83 -32.99
CA ALA A 353 -8.80 -18.82 -34.29
C ALA A 353 -9.73 -18.88 -35.50
N GLY A 354 -11.03 -19.05 -35.28
CA GLY A 354 -11.98 -19.24 -36.38
C GLY A 354 -11.85 -20.55 -37.19
N PHE A 355 -11.23 -21.59 -36.65
CA PHE A 355 -11.22 -22.86 -37.33
C PHE A 355 -12.23 -23.81 -36.72
N GLU A 356 -12.71 -24.69 -37.58
CA GLU A 356 -13.67 -25.70 -37.17
C GLU A 356 -12.96 -26.62 -36.23
N LYS A 357 -13.56 -26.88 -35.09
CA LYS A 357 -12.97 -27.79 -34.07
C LYS A 357 -12.64 -29.16 -34.61
N GLN A 358 -11.52 -29.74 -34.18
CA GLN A 358 -11.17 -31.08 -34.47
C GLN A 358 -10.89 -31.85 -33.19
N ASP A 359 -10.87 -33.17 -33.30
CA ASP A 359 -10.93 -34.02 -32.12
C ASP A 359 -9.64 -34.09 -31.35
N TRP A 360 -8.53 -33.81 -32.03
CA TRP A 360 -7.23 -33.89 -31.41
C TRP A 360 -6.94 -32.80 -30.35
N GLY A 361 -7.68 -31.68 -30.38
CA GLY A 361 -7.53 -30.64 -29.36
C GLY A 361 -8.08 -29.32 -29.79
N TYR A 362 -7.29 -28.28 -29.56
CA TYR A 362 -7.75 -26.95 -29.76
C TYR A 362 -6.86 -26.09 -30.66
N TYR A 363 -7.45 -25.15 -31.37
CA TYR A 363 -6.70 -24.10 -31.98
C TYR A 363 -6.76 -22.83 -31.11
N THR A 364 -5.64 -22.12 -31.08
CA THR A 364 -5.62 -20.73 -30.63
C THR A 364 -4.85 -19.88 -31.65
N ARG A 365 -5.19 -18.59 -31.66
CA ARG A 365 -4.55 -17.64 -32.51
C ARG A 365 -3.76 -16.57 -31.73
N GLY A 366 -2.52 -16.37 -32.15
CA GLY A 366 -1.60 -15.38 -31.60
C GLY A 366 -1.86 -14.00 -32.14
N LYS A 367 -1.12 -13.01 -31.61
CA LYS A 367 -1.39 -11.62 -31.97
C LYS A 367 -0.92 -11.32 -33.37
N ASN A 368 -0.04 -12.14 -33.89
CA ASN A 368 0.41 -11.95 -35.27
C ASN A 368 -0.03 -13.05 -36.24
N ASP A 369 -1.29 -13.49 -36.15
CA ASP A 369 -1.80 -14.51 -37.09
C ASP A 369 -1.15 -15.91 -37.02
N GLU A 370 -0.37 -16.17 -35.97
CA GLU A 370 0.02 -17.52 -35.67
C GLU A 370 -1.24 -18.31 -35.35
N VAL A 371 -1.28 -19.57 -35.82
CA VAL A 371 -2.31 -20.51 -35.40
C VAL A 371 -1.66 -21.65 -34.70
N TYR A 372 -2.05 -21.88 -33.45
CA TYR A 372 -1.43 -22.90 -32.68
C TYR A 372 -2.39 -24.09 -32.61
N MET A 373 -1.88 -25.27 -32.86
CA MET A 373 -2.61 -26.50 -32.63
C MET A 373 -2.15 -27.03 -31.28
N VAL A 374 -3.07 -27.16 -30.34
CA VAL A 374 -2.73 -27.73 -29.02
C VAL A 374 -3.35 -29.11 -28.92
N VAL A 375 -2.52 -30.15 -29.01
CA VAL A 375 -2.94 -31.54 -29.13
C VAL A 375 -3.04 -32.22 -27.79
N PHE A 376 -4.26 -32.59 -27.43
CA PHE A 376 -4.54 -33.35 -26.19
C PHE A 376 -4.88 -34.84 -26.42
N ASN A 377 -5.41 -35.16 -27.63
CA ASN A 377 -5.81 -36.53 -28.00
C ASN A 377 -5.04 -37.01 -29.23
N GLN A 378 -4.05 -37.87 -29.01
CA GLN A 378 -3.09 -38.26 -30.05
C GLN A 378 -3.71 -39.33 -30.97
N PRO A 379 -3.87 -39.02 -32.25
CA PRO A 379 -4.54 -39.94 -33.16
C PRO A 379 -3.67 -41.12 -33.51
N TYR A 380 -4.17 -42.34 -33.33
CA TYR A 380 -3.41 -43.49 -33.81
C TYR A 380 -3.10 -43.34 -35.29
N SER A 381 -3.92 -42.67 -36.07
CA SER A 381 -3.58 -42.44 -37.47
C SER A 381 -2.27 -41.70 -37.72
N GLU A 382 -1.77 -41.03 -36.67
CA GLU A 382 -0.60 -40.16 -36.76
C GLU A 382 -0.76 -38.98 -37.66
N ARG A 383 -2.02 -38.63 -37.91
CA ARG A 383 -2.39 -37.55 -38.74
C ARG A 383 -3.41 -36.67 -38.01
N LEU A 384 -3.12 -35.38 -38.03
CA LEU A 384 -3.90 -34.37 -37.33
C LEU A 384 -4.65 -33.58 -38.38
N ILE A 385 -5.96 -33.73 -38.40
CA ILE A 385 -6.75 -33.18 -39.46
C ILE A 385 -6.93 -31.72 -39.21
N VAL A 386 -6.75 -30.92 -40.27
CA VAL A 386 -6.93 -29.50 -40.22
C VAL A 386 -7.73 -29.03 -41.41
N LYS A 387 -8.90 -28.49 -41.10
CA LYS A 387 -9.79 -28.01 -42.07
C LYS A 387 -9.75 -26.49 -41.91
N THR A 388 -9.27 -25.84 -42.96
CA THR A 388 -9.13 -24.39 -43.00
C THR A 388 -10.42 -23.70 -43.45
N PRO A 389 -10.63 -22.47 -42.97
CA PRO A 389 -11.71 -21.64 -43.52
C PRO A 389 -11.39 -21.24 -44.97
N LYS A 390 -12.45 -20.95 -45.73
CA LYS A 390 -12.35 -20.57 -47.14
C LYS A 390 -11.27 -19.51 -47.27
N GLY A 391 -10.34 -19.72 -48.18
CA GLY A 391 -9.36 -18.70 -48.50
C GLY A 391 -8.11 -18.76 -47.66
N ILE A 392 -8.02 -19.76 -46.78
CA ILE A 392 -6.87 -19.87 -45.89
C ILE A 392 -6.11 -21.15 -46.24
N THR A 393 -4.79 -21.04 -46.28
CA THR A 393 -3.95 -22.18 -46.62
C THR A 393 -2.90 -22.26 -45.56
N VAL A 394 -2.41 -23.48 -45.35
CA VAL A 394 -1.37 -23.73 -44.38
C VAL A 394 -0.05 -23.83 -45.10
N GLU A 395 0.88 -22.96 -44.78
CA GLU A 395 2.14 -22.83 -45.50
C GLU A 395 3.26 -23.58 -44.85
N LYS A 396 3.20 -23.75 -43.53
CA LYS A 396 4.22 -24.49 -42.81
C LYS A 396 3.68 -24.95 -41.44
N ALA A 397 4.25 -26.02 -40.92
CA ALA A 397 4.00 -26.39 -39.54
C ALA A 397 5.30 -26.68 -38.85
N THR A 398 5.36 -26.30 -37.60
CA THR A 398 6.58 -26.36 -36.81
C THR A 398 6.25 -26.80 -35.39
N LEU A 399 7.01 -27.74 -34.86
CA LEU A 399 6.88 -28.09 -33.46
C LEU A 399 7.35 -26.92 -32.57
N LEU A 400 6.47 -26.39 -31.73
CA LEU A 400 6.78 -25.16 -30.95
C LEU A 400 8.08 -25.29 -30.13
N THR A 401 8.23 -26.36 -29.37
CA THR A 401 9.35 -26.52 -28.49
C THR A 401 10.71 -26.65 -29.21
N THR A 402 10.78 -27.39 -30.31
CA THR A 402 12.07 -27.67 -30.92
C THR A 402 12.27 -26.93 -32.19
N GLY A 403 11.27 -26.30 -32.73
CA GLY A 403 11.43 -25.73 -34.06
C GLY A 403 11.45 -26.77 -35.18
N GLU A 404 11.27 -28.06 -34.94
CA GLU A 404 11.37 -28.98 -36.09
C GLU A 404 10.24 -28.76 -37.11
N ASP A 405 10.50 -29.09 -38.36
CA ASP A 405 9.54 -28.89 -39.42
C ASP A 405 8.66 -30.12 -39.39
N ILE A 406 7.37 -29.90 -39.57
CA ILE A 406 6.36 -30.94 -39.51
C ILE A 406 5.68 -30.99 -40.83
N THR A 407 5.44 -32.20 -41.31
CA THR A 407 4.90 -32.43 -42.62
C THR A 407 3.44 -32.10 -42.65
N VAL A 408 3.09 -31.38 -43.70
CA VAL A 408 1.74 -30.98 -43.99
C VAL A 408 1.39 -31.53 -45.35
N VAL A 409 0.26 -32.25 -45.48
CA VAL A 409 -0.18 -32.78 -46.77
C VAL A 409 -1.61 -32.37 -47.01
N GLU A 410 -1.89 -31.88 -48.21
CA GLU A 410 -3.19 -31.49 -48.59
C GLU A 410 -3.94 -32.75 -48.99
N THR A 411 -5.15 -32.92 -48.47
CA THR A 411 -5.86 -34.21 -48.66
C THR A 411 -7.00 -33.94 -49.59
N THR A 412 -7.62 -32.79 -49.41
CA THR A 412 -8.57 -32.32 -50.37
C THR A 412 -8.66 -30.82 -50.31
N ARG A 413 -9.69 -30.26 -50.94
CA ARG A 413 -9.83 -28.81 -51.13
C ARG A 413 -9.45 -28.04 -49.83
N ASN A 414 -10.17 -28.15 -48.74
CA ASN A 414 -9.82 -27.19 -47.65
C ASN A 414 -9.27 -27.87 -46.47
N GLU A 415 -8.51 -28.90 -46.73
CA GLU A 415 -8.20 -29.86 -45.72
C GLU A 415 -6.78 -30.41 -45.84
N TYR A 416 -6.14 -30.55 -44.68
CA TYR A 416 -4.80 -31.12 -44.57
C TYR A 416 -4.67 -32.16 -43.45
N ASN A 417 -3.72 -33.06 -43.63
CA ASN A 417 -3.18 -33.89 -42.62
C ASN A 417 -1.82 -33.30 -42.16
N VAL A 418 -1.78 -32.85 -40.91
CA VAL A 418 -0.55 -32.38 -40.29
C VAL A 418 -0.05 -33.55 -39.51
N SER A 419 1.18 -34.02 -39.80
CA SER A 419 1.66 -35.22 -39.13
C SER A 419 1.96 -34.90 -37.70
N VAL A 420 1.96 -35.94 -36.86
CA VAL A 420 2.37 -35.79 -35.50
C VAL A 420 3.89 -35.73 -35.53
N PRO A 421 4.52 -35.29 -34.43
CA PRO A 421 5.97 -35.24 -34.42
C PRO A 421 6.58 -36.61 -34.54
N LYS A 422 7.86 -36.64 -34.96
CA LYS A 422 8.63 -37.85 -35.13
C LYS A 422 8.68 -38.60 -33.80
N LYS A 423 8.99 -37.90 -32.70
CA LYS A 423 8.94 -38.54 -31.39
C LYS A 423 7.68 -38.07 -30.67
N ASN A 424 6.94 -38.98 -30.05
CA ASN A 424 5.73 -38.59 -29.31
C ASN A 424 6.16 -37.67 -28.17
N PRO A 425 5.58 -36.45 -28.09
CA PRO A 425 6.03 -35.60 -26.98
C PRO A 425 5.64 -36.09 -25.59
N GLY A 426 4.68 -36.98 -25.48
CA GLY A 426 4.40 -37.59 -24.20
C GLY A 426 3.60 -36.69 -23.29
N GLU A 427 3.06 -35.62 -23.82
CA GLU A 427 2.20 -34.73 -23.05
C GLU A 427 1.49 -33.91 -24.09
N PRO A 428 0.48 -33.13 -23.68
CA PRO A 428 -0.12 -32.21 -24.63
C PRO A 428 0.87 -31.22 -25.15
N TYR A 429 0.79 -30.94 -26.45
CA TYR A 429 1.89 -30.30 -27.13
C TYR A 429 1.38 -29.35 -28.18
N VAL A 430 2.25 -28.46 -28.67
CA VAL A 430 1.83 -27.45 -29.61
C VAL A 430 2.57 -27.58 -30.94
N ILE A 431 1.81 -27.47 -32.03
CA ILE A 431 2.37 -27.26 -33.35
C ILE A 431 1.89 -25.91 -33.80
N GLN A 432 2.81 -25.07 -34.25
CA GLN A 432 2.50 -23.78 -34.77
C GLN A 432 2.39 -23.82 -36.28
N LEU A 433 1.29 -23.31 -36.78
CA LEU A 433 1.08 -23.20 -38.19
C LEU A 433 1.37 -21.78 -38.69
N LYS A 434 1.97 -21.67 -39.87
CA LYS A 434 2.06 -20.43 -40.64
C LYS A 434 0.96 -20.58 -41.65
N VAL A 435 -0.04 -19.69 -41.60
CA VAL A 435 -1.16 -19.73 -42.51
C VAL A 435 -1.18 -18.44 -43.33
N ARG A 436 -1.74 -18.49 -44.54
CA ARG A 436 -1.75 -17.37 -45.47
C ARG A 436 -3.17 -17.26 -46.01
N ALA A 437 -3.63 -16.02 -46.15
CA ALA A 437 -4.99 -15.72 -46.60
C ALA A 437 -4.97 -15.13 -48.01
N ALA A 438 -6.05 -15.30 -48.76
CA ALA A 438 -6.13 -14.73 -50.11
C ALA A 438 -5.97 -13.20 -50.13
N GLU B 1 -15.27 35.97 15.12
CA GLU B 1 -15.21 34.54 14.65
C GLU B 1 -15.46 34.35 13.15
N ILE B 2 -14.40 34.33 12.33
CA ILE B 2 -14.54 34.17 10.87
C ILE B 2 -15.01 32.77 10.52
N PRO B 3 -16.03 32.62 9.64
CA PRO B 3 -16.49 31.27 9.28
C PRO B 3 -15.59 30.70 8.19
N LEU B 4 -15.27 29.41 8.27
CA LEU B 4 -14.30 28.81 7.31
C LEU B 4 -14.68 27.36 6.99
N LYS B 5 -14.54 27.00 5.73
CA LYS B 5 -14.72 25.62 5.26
C LYS B 5 -13.45 24.82 5.58
N TYR B 6 -12.28 25.43 5.41
CA TYR B 6 -11.00 24.71 5.39
C TYR B 6 -10.01 25.14 6.48
N GLY B 7 -10.52 25.60 7.61
CA GLY B 7 -9.69 25.92 8.76
C GLY B 7 -9.47 24.71 9.63
N ALA B 8 -9.14 24.97 10.90
CA ALA B 8 -8.81 23.95 11.89
C ALA B 8 -9.83 22.83 12.06
N THR B 9 -9.33 21.58 12.16
CA THR B 9 -10.14 20.35 12.24
C THR B 9 -10.29 19.95 13.73
N ASN B 10 -9.17 19.60 14.40
CA ASN B 10 -9.12 19.42 15.87
C ASN B 10 -9.31 20.76 16.64
N GLU B 11 -9.60 20.71 17.93
CA GLU B 11 -9.10 21.77 18.83
C GLU B 11 -8.54 21.08 20.06
N GLY B 12 -7.41 21.57 20.54
CA GLY B 12 -6.67 20.87 21.59
C GLY B 12 -5.93 19.69 20.98
N LYS B 13 -5.17 19.02 21.82
CA LYS B 13 -4.30 17.97 21.39
C LYS B 13 -5.05 16.65 21.15
N ARG B 14 -4.64 15.91 20.13
CA ARG B 14 -5.15 14.55 19.92
C ARG B 14 -4.68 13.69 21.04
N GLN B 15 -5.56 12.84 21.57
CA GLN B 15 -5.14 11.95 22.63
C GLN B 15 -5.33 10.47 22.31
N ASP B 16 -5.54 10.17 21.04
CA ASP B 16 -5.51 8.79 20.57
C ASP B 16 -4.10 8.22 20.72
N PRO B 17 -4.01 6.91 20.82
CA PRO B 17 -2.71 6.24 20.92
C PRO B 17 -1.69 6.62 19.84
N ALA B 18 -2.12 6.80 18.60
CA ALA B 18 -1.14 7.09 17.56
C ALA B 18 -0.47 8.49 17.78
N MET B 19 -1.23 9.50 18.19
CA MET B 19 -0.64 10.78 18.51
C MET B 19 0.19 10.69 19.78
N GLN B 20 -0.23 9.86 20.73
CA GLN B 20 0.52 9.71 21.94
C GLN B 20 1.87 9.13 21.65
N LYS B 21 1.91 8.21 20.69
CA LYS B 21 3.19 7.61 20.34
C LYS B 21 4.07 8.67 19.60
N PHE B 22 3.52 9.36 18.61
CA PHE B 22 4.20 10.48 17.97
C PHE B 22 4.90 11.39 18.99
N ARG B 23 4.15 11.75 20.03
CA ARG B 23 4.57 12.67 21.03
C ARG B 23 5.64 12.04 21.89
N ASP B 24 5.34 10.86 22.43
CA ASP B 24 6.26 10.17 23.37
C ASP B 24 7.60 9.80 22.73
N ASN B 25 7.60 9.54 21.41
CA ASN B 25 8.85 9.32 20.69
C ASN B 25 9.91 10.44 21.02
N ARG B 26 9.47 11.70 20.97
CA ARG B 26 10.28 12.91 21.19
C ARG B 26 11.46 13.16 20.30
N LEU B 27 12.32 12.17 20.14
CA LEU B 27 13.54 12.35 19.35
C LEU B 27 13.49 11.62 18.04
N GLY B 28 13.61 12.39 16.97
CA GLY B 28 13.70 11.81 15.62
C GLY B 28 14.91 12.25 14.82
N ALA B 29 15.11 11.58 13.69
CA ALA B 29 16.10 11.97 12.72
C ALA B 29 15.42 12.26 11.41
N PHE B 30 16.02 13.16 10.66
CA PHE B 30 15.53 13.54 9.33
C PHE B 30 16.58 13.02 8.33
N ILE B 31 16.11 12.56 7.18
CA ILE B 31 16.96 12.13 6.10
C ILE B 31 16.61 12.93 4.89
N HIS B 32 17.53 13.77 4.42
CA HIS B 32 17.38 14.45 3.14
C HIS B 32 18.29 13.72 2.17
N TRP B 33 17.69 12.98 1.23
CA TRP B 33 18.47 12.24 0.23
C TRP B 33 17.77 12.27 -1.11
N GLY B 34 18.56 12.66 -2.12
CA GLY B 34 18.05 12.96 -3.45
C GLY B 34 19.19 13.24 -4.42
N LEU B 35 18.86 13.58 -5.64
CA LEU B 35 19.90 13.79 -6.65
C LEU B 35 20.95 14.85 -6.22
N TYR B 36 20.50 15.88 -5.48
CA TYR B 36 21.40 16.96 -4.98
C TYR B 36 22.64 16.42 -4.26
N ALA B 37 22.57 15.19 -3.74
CA ALA B 37 23.69 14.58 -3.06
C ALA B 37 24.88 14.27 -3.98
N ILE B 38 24.62 14.12 -5.28
CA ILE B 38 25.68 13.82 -6.28
C ILE B 38 26.57 15.05 -6.49
N PRO B 39 26.03 16.20 -6.95
CA PRO B 39 26.92 17.37 -7.04
C PRO B 39 27.41 17.95 -5.70
N GLY B 40 26.69 17.66 -4.61
CA GLY B 40 27.06 18.11 -3.27
C GLY B 40 27.30 19.60 -3.10
N GLY B 41 26.48 20.45 -3.73
CA GLY B 41 26.66 21.89 -3.63
C GLY B 41 27.62 22.50 -4.64
N GLU B 42 28.23 21.66 -5.48
CA GLU B 42 29.11 22.13 -6.55
C GLU B 42 28.54 21.89 -7.94
N TRP B 43 28.59 22.90 -8.80
CA TRP B 43 28.22 22.75 -10.20
C TRP B 43 29.22 23.41 -11.14
N ASN B 44 29.70 22.59 -12.10
CA ASN B 44 30.63 23.05 -13.14
C ASN B 44 31.77 23.78 -12.51
N GLY B 45 32.39 23.16 -11.52
CA GLY B 45 33.56 23.71 -10.88
C GLY B 45 33.31 24.83 -9.90
N LYS B 46 32.06 25.29 -9.76
CA LYS B 46 31.71 26.27 -8.75
C LYS B 46 30.95 25.70 -7.51
N VAL B 47 31.51 25.93 -6.32
CA VAL B 47 30.87 25.59 -5.07
C VAL B 47 29.94 26.72 -4.62
N TYR B 48 28.65 26.42 -4.41
CA TYR B 48 27.67 27.39 -3.95
C TYR B 48 27.39 27.25 -2.46
N GLY B 49 27.31 28.39 -1.77
CA GLY B 49 27.16 28.46 -0.31
C GLY B 49 25.74 28.15 0.17
N GLY B 50 24.76 28.39 -0.70
CA GLY B 50 23.38 27.97 -0.47
C GLY B 50 23.17 26.50 -0.15
N ALA B 51 22.01 26.23 0.45
CA ALA B 51 21.60 24.86 0.79
C ALA B 51 21.75 23.91 -0.44
N ALA B 52 22.47 22.82 -0.24
CA ALA B 52 22.81 21.95 -1.36
C ALA B 52 21.58 21.40 -2.07
N GLU B 53 20.49 21.17 -1.32
CA GLU B 53 19.28 20.63 -1.96
C GLU B 53 18.56 21.60 -2.91
N TRP B 54 18.93 22.88 -2.83
CA TRP B 54 18.48 23.92 -3.76
C TRP B 54 19.59 24.28 -4.79
N LEU B 55 20.58 23.43 -5.02
CA LEU B 55 21.63 23.75 -6.01
C LEU B 55 21.09 23.99 -7.43
N LYS B 56 20.03 23.29 -7.80
CA LYS B 56 19.42 23.48 -9.12
C LYS B 56 19.06 24.93 -9.33
N SER B 57 18.53 25.52 -8.27
CA SER B 57 18.13 26.91 -8.28
C SER B 57 19.34 27.83 -8.32
N TRP B 58 20.28 27.65 -7.41
CA TRP B 58 21.46 28.51 -7.36
C TRP B 58 22.31 28.41 -8.62
N ALA B 59 22.46 27.24 -9.20
CA ALA B 59 23.26 27.11 -10.44
C ALA B 59 22.40 27.21 -11.71
N LYS B 60 21.16 27.64 -11.56
CA LYS B 60 20.27 27.84 -12.69
C LYS B 60 20.28 26.63 -13.64
N VAL B 61 20.17 25.42 -13.11
CA VAL B 61 20.21 24.23 -13.94
C VAL B 61 18.81 23.91 -14.44
N PRO B 62 18.65 23.74 -15.76
CA PRO B 62 17.37 23.30 -16.28
C PRO B 62 16.96 21.95 -15.73
N ALA B 63 15.66 21.71 -15.60
CA ALA B 63 15.17 20.41 -15.12
C ALA B 63 15.72 19.21 -15.93
N ASP B 64 15.59 19.28 -17.27
CA ASP B 64 16.04 18.21 -18.19
C ASP B 64 17.42 17.83 -17.74
N GLU B 65 18.25 18.86 -17.58
CA GLU B 65 19.66 18.65 -17.27
C GLU B 65 19.94 18.20 -15.82
N TRP B 66 19.27 18.85 -14.88
CA TRP B 66 19.33 18.42 -13.46
C TRP B 66 18.93 16.94 -13.31
N LEU B 67 17.80 16.57 -13.91
CA LEU B 67 17.29 15.20 -13.77
C LEU B 67 18.18 14.15 -14.44
N LYS B 68 19.03 14.58 -15.36
CA LYS B 68 20.06 13.65 -15.96
C LYS B 68 20.96 13.07 -14.90
N LEU B 69 21.04 13.71 -13.73
CA LEU B 69 21.80 13.15 -12.59
C LEU B 69 21.33 11.79 -12.16
N MET B 70 20.09 11.45 -12.48
CA MET B 70 19.61 10.07 -12.32
C MET B 70 20.55 8.98 -12.87
N ASP B 71 21.21 9.30 -13.99
CA ASP B 71 22.13 8.35 -14.63
C ASP B 71 23.32 8.10 -13.75
N GLN B 72 23.58 8.99 -12.81
CA GLN B 72 24.65 8.77 -11.84
C GLN B 72 24.18 8.21 -10.51
N TRP B 73 22.88 7.98 -10.38
CA TRP B 73 22.38 7.52 -9.08
C TRP B 73 22.64 6.05 -8.90
N ASN B 74 23.67 5.78 -8.11
CA ASN B 74 24.04 4.43 -7.81
C ASN B 74 24.76 4.28 -6.48
N PRO B 75 24.02 4.43 -5.38
CA PRO B 75 24.65 4.36 -4.05
C PRO B 75 25.00 2.95 -3.60
N THR B 76 26.16 2.51 -4.05
CA THR B 76 26.58 1.15 -3.86
C THR B 76 26.88 0.86 -2.40
N LYS B 77 27.16 1.88 -1.57
CA LYS B 77 27.35 1.61 -0.13
C LYS B 77 26.04 1.60 0.68
N PHE B 78 24.92 1.90 0.05
CA PHE B 78 23.63 1.93 0.74
C PHE B 78 23.31 0.60 1.40
N ASP B 79 22.96 0.60 2.69
CA ASP B 79 22.44 -0.59 3.32
C ASP B 79 21.42 -0.19 4.38
N ALA B 80 20.15 -0.41 4.04
CA ALA B 80 19.03 -0.01 4.88
C ALA B 80 19.13 -0.47 6.33
N LYS B 81 19.64 -1.69 6.55
CA LYS B 81 19.75 -2.25 7.88
C LYS B 81 20.81 -1.50 8.65
N LYS B 82 21.85 -1.03 7.94
CA LYS B 82 22.92 -0.28 8.58
C LYS B 82 22.43 1.11 8.96
N TRP B 83 21.59 1.71 8.11
CA TRP B 83 20.99 3.00 8.42
C TRP B 83 20.15 2.88 9.66
N ALA B 84 19.33 1.84 9.70
CA ALA B 84 18.44 1.62 10.81
C ALA B 84 19.18 1.35 12.10
N LYS B 85 20.27 0.61 12.03
CA LYS B 85 21.16 0.40 13.20
C LYS B 85 21.76 1.73 13.76
N MET B 86 22.21 2.60 12.88
CA MET B 86 22.77 3.89 13.22
C MET B 86 21.72 4.72 13.98
N ALA B 87 20.50 4.73 13.45
CA ALA B 87 19.38 5.44 14.06
C ALA B 87 19.00 4.86 15.42
N LYS B 88 19.00 3.52 15.52
CA LYS B 88 18.71 2.89 16.78
C LYS B 88 19.79 3.28 17.79
N GLU B 89 21.05 3.18 17.44
CA GLU B 89 22.14 3.55 18.34
C GLU B 89 22.13 5.01 18.77
N MET B 90 21.69 5.89 17.88
CA MET B 90 21.54 7.34 18.20
C MET B 90 20.43 7.60 19.24
N GLY B 91 19.53 6.64 19.39
CA GLY B 91 18.42 6.76 20.32
C GLY B 91 17.22 7.37 19.65
N THR B 92 17.21 7.42 18.32
CA THR B 92 16.05 8.03 17.65
C THR B 92 14.88 7.04 17.66
N LYS B 93 13.68 7.56 17.85
CA LYS B 93 12.51 6.73 17.88
C LYS B 93 11.72 6.77 16.56
N TYR B 94 12.03 7.75 15.71
CA TYR B 94 11.45 7.87 14.40
C TYR B 94 12.40 8.54 13.42
N VAL B 95 12.10 8.39 12.13
CA VAL B 95 12.89 8.97 11.05
C VAL B 95 11.94 9.49 10.02
N LYS B 96 12.20 10.73 9.59
CA LYS B 96 11.46 11.40 8.58
C LYS B 96 12.33 11.33 7.35
N ILE B 97 11.75 10.94 6.20
CA ILE B 97 12.50 10.70 4.98
C ILE B 97 11.94 11.49 3.86
N THR B 98 12.80 12.19 3.12
CA THR B 98 12.38 12.89 1.89
C THR B 98 11.98 11.82 0.83
N THR B 99 10.69 11.59 0.67
CA THR B 99 10.19 10.68 -0.36
C THR B 99 10.37 11.33 -1.74
N LYS B 100 10.19 12.65 -1.77
CA LYS B 100 10.45 13.50 -2.93
C LYS B 100 10.67 14.97 -2.44
N HIS B 101 11.74 15.61 -2.87
CA HIS B 101 12.02 17.01 -2.59
C HIS B 101 11.62 17.86 -3.79
N HIS B 102 11.95 19.16 -3.75
CA HIS B 102 11.50 20.06 -4.81
C HIS B 102 11.92 19.62 -6.22
N GLU B 103 13.12 19.07 -6.33
CA GLU B 103 13.63 18.59 -7.60
C GLU B 103 12.66 17.55 -8.24
N GLY B 104 11.90 16.80 -7.41
CA GLY B 104 10.83 15.93 -7.93
C GLY B 104 11.23 14.50 -8.22
N PHE B 105 12.48 14.17 -7.93
CA PHE B 105 12.98 12.81 -7.98
C PHE B 105 12.47 12.01 -6.78
N CYS B 106 11.84 10.87 -7.07
CA CYS B 106 11.12 10.07 -6.06
C CYS B 106 11.96 8.91 -5.60
N LEU B 107 12.05 8.73 -4.27
CA LEU B 107 12.81 7.58 -3.75
C LEU B 107 11.99 6.27 -3.76
N TRP B 108 10.78 6.29 -4.32
CA TRP B 108 9.98 5.05 -4.44
C TRP B 108 9.62 4.99 -5.91
N PRO B 109 9.32 3.80 -6.43
CA PRO B 109 9.10 3.67 -7.89
C PRO B 109 7.71 4.14 -8.27
N SER B 110 7.50 5.45 -8.22
CA SER B 110 6.21 6.01 -8.54
C SER B 110 5.83 5.68 -9.99
N LYS B 111 4.56 5.31 -10.13
CA LYS B 111 3.98 5.04 -11.45
C LYS B 111 3.53 6.31 -12.12
N TYR B 112 3.64 7.49 -11.47
CA TYR B 112 3.16 8.75 -12.03
C TYR B 112 4.20 9.68 -12.61
N THR B 113 5.45 9.26 -12.63
CA THR B 113 6.50 10.04 -13.21
C THR B 113 7.62 9.05 -13.52
N LYS B 114 8.43 9.38 -14.48
CA LYS B 114 9.64 8.61 -14.75
C LYS B 114 10.86 9.08 -13.93
N TYR B 115 10.74 10.18 -13.19
CA TYR B 115 11.87 10.64 -12.40
C TYR B 115 11.83 9.92 -11.06
N THR B 116 12.26 8.66 -11.08
CA THR B 116 12.24 7.88 -9.89
C THR B 116 13.43 7.01 -9.87
N VAL B 117 13.60 6.41 -8.72
CA VAL B 117 14.65 5.47 -8.46
C VAL B 117 14.66 4.22 -9.38
N ALA B 118 13.50 3.86 -9.92
CA ALA B 118 13.38 2.70 -10.84
C ALA B 118 14.19 3.03 -12.12
N ASN B 119 14.25 4.28 -12.53
CA ASN B 119 15.00 4.65 -13.73
C ASN B 119 16.38 5.16 -13.46
N THR B 120 17.09 4.53 -12.55
CA THR B 120 18.47 4.85 -12.29
C THR B 120 19.28 3.56 -12.37
N PRO B 121 20.60 3.66 -12.43
CA PRO B 121 21.29 2.39 -12.37
C PRO B 121 20.94 1.54 -11.15
N TYR B 122 20.56 2.16 -10.01
CA TYR B 122 20.44 1.37 -8.79
C TYR B 122 19.17 0.56 -8.78
N LYS B 123 18.14 1.12 -9.43
CA LYS B 123 16.83 0.44 -9.68
C LYS B 123 15.98 0.22 -8.44
N ARG B 124 16.57 -0.02 -7.29
CA ARG B 124 15.83 -0.52 -6.12
C ARG B 124 14.98 0.54 -5.38
N ASP B 125 13.93 0.06 -4.71
CA ASP B 125 12.97 0.92 -3.98
C ASP B 125 13.64 1.29 -2.64
N ILE B 126 14.47 2.32 -2.69
CA ILE B 126 15.10 2.86 -1.50
C ILE B 126 14.10 3.10 -0.36
N LEU B 127 12.98 3.74 -0.66
CA LEU B 127 12.07 4.10 0.39
C LEU B 127 11.52 2.84 1.05
N GLY B 128 11.09 1.89 0.20
CA GLY B 128 10.57 0.63 0.71
C GLY B 128 11.55 -0.04 1.61
N GLU B 129 12.84 -0.03 1.22
CA GLU B 129 13.84 -0.72 2.00
C GLU B 129 14.07 0.00 3.32
N LEU B 130 14.08 1.32 3.31
CA LEU B 130 14.21 2.08 4.57
C LEU B 130 13.00 1.86 5.49
N VAL B 131 11.80 1.85 4.91
CA VAL B 131 10.60 1.61 5.76
C VAL B 131 10.69 0.32 6.53
N LYS B 132 11.08 -0.74 5.82
CA LYS B 132 11.20 -2.06 6.42
C LYS B 132 12.29 -2.10 7.47
N ALA B 133 13.47 -1.63 7.09
CA ALA B 133 14.60 -1.64 7.98
C ALA B 133 14.39 -0.85 9.29
N TYR B 134 13.80 0.35 9.19
CA TYR B 134 13.54 1.15 10.39
C TYR B 134 12.44 0.46 11.22
N ASN B 135 11.37 0.03 10.56
CA ASN B 135 10.28 -0.71 11.24
C ASN B 135 10.81 -1.94 11.91
N ASP B 136 11.77 -2.66 11.31
CA ASP B 136 12.27 -3.84 12.00
C ASP B 136 13.04 -3.46 13.24
N GLU B 137 13.53 -2.23 13.34
CA GLU B 137 14.18 -1.79 14.56
C GLU B 137 13.19 -1.16 15.50
N GLY B 138 11.89 -1.25 15.22
CA GLY B 138 10.89 -0.64 16.09
C GLY B 138 10.88 0.87 16.00
N ILE B 139 11.40 1.40 14.90
CA ILE B 139 11.43 2.82 14.60
C ILE B 139 10.33 3.21 13.65
N ASP B 140 9.50 4.19 14.07
CA ASP B 140 8.46 4.76 13.26
C ASP B 140 9.03 5.52 12.07
N VAL B 141 8.26 5.57 10.96
CA VAL B 141 8.74 6.27 9.80
C VAL B 141 7.74 7.32 9.37
N HIS B 142 8.22 8.51 9.01
CA HIS B 142 7.42 9.64 8.66
C HIS B 142 7.87 10.04 7.29
N PHE B 143 6.96 10.53 6.45
CA PHE B 143 7.31 10.87 5.08
C PHE B 143 7.31 12.40 4.87
N TYR B 144 8.47 12.93 4.54
CA TYR B 144 8.56 14.26 3.96
C TYR B 144 8.09 14.17 2.53
N PHE B 145 7.26 15.13 2.13
CA PHE B 145 6.78 15.29 0.75
C PHE B 145 6.75 16.76 0.37
N SER B 146 7.47 17.14 -0.70
CA SER B 146 7.37 18.48 -1.27
C SER B 146 6.22 18.54 -2.29
N VAL B 147 5.25 19.41 -2.04
CA VAL B 147 4.22 19.67 -3.00
C VAL B 147 4.82 20.35 -4.22
N MET B 148 5.58 21.43 -4.01
CA MET B 148 6.34 22.08 -5.08
C MET B 148 7.19 21.05 -5.79
N ASP B 149 7.14 21.05 -7.12
CA ASP B 149 7.83 20.03 -7.88
C ASP B 149 8.40 20.63 -9.14
N TRP B 150 9.70 20.81 -9.14
CA TRP B 150 10.41 21.43 -10.27
C TRP B 150 10.51 20.56 -11.51
N SER B 151 10.07 19.30 -11.40
CA SER B 151 10.18 18.32 -12.49
C SER B 151 8.93 18.24 -13.34
N ASN B 152 7.85 18.85 -12.86
CA ASN B 152 6.56 18.78 -13.49
C ASN B 152 6.09 20.13 -13.99
N PRO B 153 5.98 20.25 -15.32
CA PRO B 153 5.63 21.52 -15.94
C PRO B 153 4.23 21.98 -15.62
N ASP B 154 3.36 21.10 -15.14
CA ASP B 154 2.07 21.54 -14.66
C ASP B 154 2.14 22.37 -13.35
N TYR B 155 3.27 22.34 -12.63
CA TYR B 155 3.37 23.14 -11.40
C TYR B 155 3.29 24.63 -11.71
N ARG B 156 2.64 25.40 -10.84
CA ARG B 156 2.61 26.86 -10.97
C ARG B 156 2.86 27.54 -9.61
N TYR B 157 3.56 28.66 -9.63
CA TYR B 157 3.83 29.50 -8.46
C TYR B 157 2.63 30.32 -8.11
N ASP B 158 1.95 30.81 -9.14
CA ASP B 158 0.68 31.49 -8.94
C ASP B 158 -0.29 31.10 -10.03
N ILE B 159 -1.57 31.43 -9.84
CA ILE B 159 -2.61 31.23 -10.85
C ILE B 159 -3.09 32.55 -11.43
N LYS B 160 -2.70 32.83 -12.66
CA LYS B 160 -2.98 34.13 -13.24
C LYS B 160 -3.86 34.02 -14.51
N SER B 161 -4.50 32.88 -14.76
CA SER B 161 -5.10 32.59 -16.06
C SER B 161 -5.81 31.23 -16.03
N LYS B 162 -6.72 30.97 -16.97
CA LYS B 162 -7.37 29.66 -17.08
C LYS B 162 -6.33 28.55 -17.38
N GLU B 163 -5.35 28.83 -18.23
CA GLU B 163 -4.32 27.83 -18.58
C GLU B 163 -3.50 27.42 -17.32
N ASP B 164 -3.14 28.40 -16.49
CA ASP B 164 -2.54 28.11 -15.15
C ASP B 164 -3.40 27.23 -14.31
N SER B 165 -4.65 27.63 -14.21
CA SER B 165 -5.60 27.00 -13.33
C SER B 165 -5.89 25.55 -13.76
N ILE B 166 -5.95 25.32 -15.06
CA ILE B 166 -6.13 23.98 -15.59
C ILE B 166 -4.89 23.14 -15.39
N ALA B 167 -3.72 23.73 -15.63
CA ALA B 167 -2.44 23.04 -15.43
C ALA B 167 -2.31 22.64 -13.97
N PHE B 168 -2.68 23.55 -13.08
CA PHE B 168 -2.48 23.32 -11.65
C PHE B 168 -3.43 22.27 -11.13
N SER B 169 -4.56 22.12 -11.76
CA SER B 169 -5.54 21.16 -11.33
C SER B 169 -5.02 19.75 -11.63
N ARG B 170 -4.37 19.63 -12.78
CA ARG B 170 -3.73 18.40 -13.18
C ARG B 170 -2.59 18.13 -12.19
N PHE B 171 -1.86 19.19 -11.88
CA PHE B 171 -0.78 19.06 -10.91
C PHE B 171 -1.27 18.51 -9.56
N LEU B 172 -2.39 19.03 -9.08
CA LEU B 172 -2.94 18.57 -7.79
C LEU B 172 -3.38 17.14 -7.87
N GLU B 173 -3.86 16.74 -9.04
CA GLU B 173 -4.36 15.40 -9.19
C GLU B 173 -3.21 14.41 -9.14
N PHE B 174 -2.18 14.74 -9.91
CA PHE B 174 -0.88 14.07 -9.89
C PHE B 174 -0.28 13.93 -8.47
N THR B 175 -0.33 15.04 -7.73
CA THR B 175 0.13 15.04 -6.38
C THR B 175 -0.72 14.03 -5.57
N ASP B 176 -2.05 14.10 -5.71
CA ASP B 176 -2.91 13.16 -4.98
C ASP B 176 -2.54 11.74 -5.37
N ASN B 177 -2.32 11.51 -6.65
CA ASN B 177 -1.92 10.13 -7.06
C ASN B 177 -0.65 9.65 -6.41
N GLN B 178 0.36 10.51 -6.34
CA GLN B 178 1.62 10.15 -5.61
C GLN B 178 1.40 9.88 -4.10
N LEU B 179 0.60 10.73 -3.44
CA LEU B 179 0.35 10.56 -2.00
C LEU B 179 -0.41 9.24 -1.76
N LYS B 180 -1.36 8.92 -2.63
CA LYS B 180 -2.08 7.64 -2.52
C LYS B 180 -1.14 6.45 -2.60
N GLU B 181 -0.15 6.54 -3.48
CA GLU B 181 0.88 5.48 -3.64
C GLU B 181 1.63 5.33 -2.37
N LEU B 182 2.06 6.48 -1.84
CA LEU B 182 2.85 6.44 -0.61
C LEU B 182 2.08 5.81 0.52
N ALA B 183 0.83 6.22 0.67
CA ALA B 183 0.05 5.77 1.80
C ALA B 183 -0.31 4.28 1.72
N THR B 184 -0.39 3.76 0.50
CA THR B 184 -0.89 2.41 0.28
C THR B 184 0.24 1.40 0.10
N ARG B 185 1.31 1.83 -0.55
CA ARG B 185 2.52 0.98 -0.60
C ARG B 185 3.19 0.84 0.75
N TYR B 186 3.16 1.90 1.58
CA TYR B 186 3.93 1.92 2.82
C TYR B 186 2.99 2.21 4.00
N PRO B 187 2.03 1.31 4.22
CA PRO B 187 0.99 1.53 5.19
C PRO B 187 1.44 1.71 6.61
N THR B 188 2.65 1.37 6.98
CA THR B 188 3.11 1.63 8.35
C THR B 188 3.53 3.10 8.61
N VAL B 189 3.47 3.94 7.59
CA VAL B 189 3.83 5.35 7.72
C VAL B 189 3.00 6.02 8.85
N LYS B 190 3.67 6.76 9.74
CA LYS B 190 2.98 7.43 10.86
C LYS B 190 2.69 8.93 10.70
N ASP B 191 3.24 9.54 9.65
CA ASP B 191 3.15 10.97 9.51
C ASP B 191 3.49 11.34 8.09
N PHE B 192 2.79 12.34 7.59
CA PHE B 192 3.21 13.06 6.39
C PHE B 192 3.54 14.47 6.77
N TRP B 193 4.73 14.89 6.35
CA TRP B 193 5.30 16.20 6.65
C TRP B 193 5.45 16.94 5.36
N PHE B 194 4.53 17.85 5.11
CA PHE B 194 4.53 18.52 3.85
C PHE B 194 5.45 19.74 3.83
N ASP B 195 6.03 20.00 2.66
CA ASP B 195 6.92 21.13 2.45
C ASP B 195 6.53 21.70 1.12
N GLY B 196 7.08 22.88 0.79
CA GLY B 196 6.81 23.53 -0.48
C GLY B 196 5.33 23.78 -0.74
N THR B 197 4.69 24.34 0.28
CA THR B 197 3.28 24.70 0.25
C THR B 197 3.00 26.22 0.43
N TRP B 198 4.04 27.02 0.32
CA TRP B 198 3.98 28.46 0.55
C TRP B 198 3.68 29.35 -0.69
N ASP B 199 3.73 28.80 -1.89
CA ASP B 199 3.41 29.61 -3.08
C ASP B 199 1.95 30.00 -3.06
N ALA B 200 1.68 31.14 -3.71
CA ALA B 200 0.32 31.68 -3.90
C ALA B 200 -0.65 30.65 -4.53
N SER B 201 -0.14 29.81 -5.41
CA SER B 201 -0.96 28.76 -6.01
C SER B 201 -1.56 27.87 -4.95
N VAL B 202 -0.74 27.44 -4.00
CA VAL B 202 -1.24 26.58 -2.95
C VAL B 202 -2.10 27.36 -1.96
N LYS B 203 -1.62 28.55 -1.58
CA LYS B 203 -2.41 29.44 -0.71
C LYS B 203 -3.82 29.72 -1.23
N LYS B 204 -3.95 29.93 -2.54
CA LYS B 204 -5.26 30.03 -3.18
C LYS B 204 -6.06 28.74 -3.25
N ASN B 205 -5.52 27.61 -2.79
CA ASN B 205 -6.24 26.33 -2.86
C ASN B 205 -6.21 25.57 -1.58
N GLY B 206 -6.40 26.31 -0.51
CA GLY B 206 -6.51 25.72 0.82
C GLY B 206 -7.44 24.54 0.90
N TRP B 207 -8.53 24.54 0.14
CA TRP B 207 -9.47 23.38 0.07
C TRP B 207 -8.66 22.11 -0.22
N TRP B 208 -7.64 22.21 -1.07
CA TRP B 208 -6.87 21.01 -1.47
C TRP B 208 -6.05 20.48 -0.28
N THR B 209 -5.51 21.40 0.53
CA THR B 209 -4.71 21.07 1.72
C THR B 209 -5.57 20.37 2.74
N ALA B 210 -6.77 20.87 2.96
CA ALA B 210 -7.73 20.15 3.82
C ALA B 210 -8.13 18.79 3.25
N HIS B 211 -8.28 18.71 1.94
CA HIS B 211 -8.64 17.45 1.29
C HIS B 211 -7.48 16.46 1.44
N ALA B 212 -6.27 16.94 1.18
CA ALA B 212 -5.09 16.07 1.30
C ALA B 212 -4.98 15.49 2.72
N GLU B 213 -5.15 16.33 3.73
CA GLU B 213 -5.16 15.85 5.12
C GLU B 213 -6.24 14.78 5.37
N GLN B 214 -7.46 15.07 4.92
CA GLN B 214 -8.58 14.17 5.14
C GLN B 214 -8.36 12.84 4.41
N MET B 215 -8.01 12.96 3.14
CA MET B 215 -7.69 11.78 2.30
C MET B 215 -6.71 10.88 3.00
N LEU B 216 -5.64 11.47 3.50
CA LEU B 216 -4.58 10.65 4.10
C LEU B 216 -5.00 10.02 5.44
N LYS B 217 -5.77 10.76 6.22
CA LYS B 217 -6.33 10.22 7.45
C LYS B 217 -7.30 9.05 7.23
N GLU B 218 -8.02 9.09 6.12
CA GLU B 218 -8.85 7.95 5.71
C GLU B 218 -8.04 6.73 5.34
N LEU B 219 -6.99 6.93 4.56
CA LEU B 219 -6.14 5.83 4.12
C LEU B 219 -5.24 5.25 5.14
N VAL B 220 -4.80 6.06 6.12
CA VAL B 220 -3.85 5.62 7.13
C VAL B 220 -4.40 6.00 8.52
N PRO B 221 -5.04 5.04 9.19
CA PRO B 221 -5.61 5.37 10.47
C PRO B 221 -4.56 5.87 11.45
N GLY B 222 -4.88 6.96 12.16
CA GLY B 222 -3.99 7.52 13.15
C GLY B 222 -2.87 8.38 12.59
N VAL B 223 -2.83 8.57 11.27
CA VAL B 223 -1.67 9.22 10.71
C VAL B 223 -1.66 10.68 11.21
N ALA B 224 -0.46 11.25 11.36
CA ALA B 224 -0.35 12.65 11.73
C ALA B 224 0.01 13.45 10.49
N ILE B 225 -0.41 14.71 10.48
CA ILE B 225 -0.20 15.59 9.36
C ILE B 225 0.28 16.93 9.92
N ASN B 226 1.31 17.52 9.31
CA ASN B 226 1.91 18.73 9.85
C ASN B 226 1.15 19.99 9.50
N SER B 227 1.43 21.06 10.26
CA SER B 227 0.73 22.30 10.03
C SER B 227 1.18 22.93 8.73
N ARG B 228 2.39 22.68 8.30
CA ARG B 228 2.92 23.40 7.13
C ARG B 228 2.12 23.02 5.84
N LEU B 229 1.42 21.90 5.89
CA LEU B 229 0.58 21.53 4.75
C LEU B 229 -0.45 22.60 4.46
N ARG B 230 -1.02 23.06 5.56
CA ARG B 230 -2.34 23.63 5.58
C ARG B 230 -2.45 25.15 5.38
N ALA B 231 -3.40 25.50 4.51
CA ALA B 231 -3.86 26.85 4.25
C ALA B 231 -5.37 26.84 4.34
N ASP B 232 -5.95 27.89 4.94
CA ASP B 232 -7.42 27.99 5.06
C ASP B 232 -8.02 28.67 3.82
N ASP B 233 -9.32 28.93 3.88
CA ASP B 233 -10.09 29.63 2.84
C ASP B 233 -9.44 30.97 2.46
N LYS B 234 -8.90 31.67 3.45
CA LYS B 234 -8.30 32.98 3.18
C LYS B 234 -6.83 32.90 2.81
N GLY B 235 -6.29 31.69 2.70
CA GLY B 235 -4.89 31.53 2.35
C GLY B 235 -3.93 31.70 3.54
N LYS B 236 -4.43 31.71 4.78
CA LYS B 236 -3.57 31.80 5.97
C LYS B 236 -3.05 30.38 6.26
N ARG B 237 -1.77 30.26 6.61
CA ARG B 237 -1.06 28.98 6.67
C ARG B 237 -0.68 28.62 8.08
N HIS B 238 -0.53 27.32 8.38
CA HIS B 238 -0.32 26.81 9.77
C HIS B 238 -1.45 27.05 10.77
N PHE B 239 -1.72 28.32 11.06
CA PHE B 239 -2.84 28.72 11.91
C PHE B 239 -3.90 29.35 11.03
N ASP B 240 -5.15 28.96 11.21
CA ASP B 240 -6.21 29.51 10.34
C ASP B 240 -6.49 30.99 10.72
N SER B 241 -7.47 31.57 10.04
CA SER B 241 -7.78 32.97 10.21
C SER B 241 -8.45 33.30 11.55
N ASN B 242 -8.84 32.28 12.31
CA ASN B 242 -9.24 32.44 13.70
C ASN B 242 -8.13 32.10 14.66
N GLY B 243 -6.88 32.07 14.19
CA GLY B 243 -5.76 31.66 15.03
C GLY B 243 -5.76 30.23 15.52
N ARG B 244 -6.55 29.33 14.94
CA ARG B 244 -6.50 27.92 15.38
C ARG B 244 -5.52 27.09 14.55
N LEU B 245 -4.69 26.32 15.23
CA LEU B 245 -3.70 25.44 14.58
C LEU B 245 -4.32 24.42 13.60
N MET B 246 -3.87 24.41 12.36
CA MET B 246 -4.31 23.38 11.38
C MET B 246 -3.32 22.20 11.36
N GLY B 247 -3.77 21.05 10.89
CA GLY B 247 -3.02 19.81 11.04
C GLY B 247 -3.00 19.39 12.50
N ASP B 248 -2.14 18.42 12.83
CA ASP B 248 -2.10 17.75 14.11
C ASP B 248 -1.00 18.27 15.06
N TYR B 249 -0.07 19.06 14.54
CA TYR B 249 1.06 19.56 15.32
C TYR B 249 1.72 20.69 14.58
N GLU B 250 2.35 21.59 15.31
CA GLU B 250 2.95 22.74 14.66
C GLU B 250 4.35 22.37 14.20
N SER B 251 4.68 22.64 12.94
CA SER B 251 6.01 22.36 12.42
C SER B 251 6.70 23.65 12.04
N GLY B 252 7.72 23.99 12.79
CA GLY B 252 8.45 25.22 12.63
C GLY B 252 9.71 25.16 13.47
N TYR B 253 10.10 26.30 13.99
CA TYR B 253 11.24 26.41 14.90
C TYR B 253 12.58 25.82 14.38
N GLU B 254 12.64 25.71 13.05
CA GLU B 254 13.88 25.33 12.31
C GLU B 254 15.03 26.22 12.69
N ARG B 255 14.85 27.54 12.72
CA ARG B 255 15.95 28.42 13.08
C ARG B 255 16.03 28.49 14.62
N ARG B 256 14.98 28.99 15.29
CA ARG B 256 15.05 29.26 16.71
C ARG B 256 13.94 28.51 17.41
N LEU B 257 14.24 27.90 18.54
CA LEU B 257 13.26 27.23 19.36
C LEU B 257 12.46 28.21 20.16
N PRO B 258 11.26 27.81 20.61
CA PRO B 258 10.49 28.73 21.43
C PRO B 258 11.25 29.18 22.66
N ASP B 259 11.14 30.43 23.01
CA ASP B 259 11.79 30.98 24.20
C ASP B 259 11.26 30.35 25.47
N PRO B 260 12.14 29.84 26.34
CA PRO B 260 11.57 29.19 27.52
C PRO B 260 10.79 30.08 28.54
N VAL B 261 10.81 31.40 28.36
CA VAL B 261 10.09 32.29 29.29
C VAL B 261 8.89 32.92 28.61
N LYS B 262 9.09 33.39 27.41
CA LYS B 262 8.10 34.15 26.73
C LYS B 262 7.19 33.37 25.80
N ASP B 263 7.52 32.14 25.43
CA ASP B 263 6.71 31.37 24.46
C ASP B 263 6.07 30.14 25.05
N LEU B 264 5.60 30.22 26.27
CA LEU B 264 4.97 29.05 26.91
C LEU B 264 3.64 28.72 26.26
N LYS B 265 3.14 29.59 25.39
CA LYS B 265 1.92 29.24 24.64
C LYS B 265 2.07 27.89 23.91
N VAL B 266 3.28 27.53 23.47
CA VAL B 266 3.46 26.32 22.65
C VAL B 266 3.15 25.03 23.41
N THR B 267 3.10 25.10 24.74
CA THR B 267 2.85 23.91 25.56
C THR B 267 1.38 23.46 25.42
N GLN B 268 0.60 24.29 24.75
CA GLN B 268 -0.80 24.02 24.55
C GLN B 268 -1.09 23.19 23.30
N TRP B 269 -0.11 23.00 22.43
CA TRP B 269 -0.31 22.12 21.28
C TRP B 269 0.92 21.25 21.02
N ASP B 270 0.72 20.20 20.26
CA ASP B 270 1.83 19.42 19.82
C ASP B 270 2.64 20.19 18.81
N TRP B 271 3.96 20.05 18.89
CA TRP B 271 4.81 20.69 17.90
C TRP B 271 6.08 19.91 17.74
N GLU B 272 6.80 20.21 16.66
CA GLU B 272 8.01 19.54 16.32
C GLU B 272 8.95 20.47 15.63
N ALA B 273 10.18 20.53 16.12
CA ALA B 273 11.25 21.27 15.50
C ALA B 273 12.16 20.32 14.76
N CYS B 274 12.66 20.78 13.63
CA CYS B 274 13.63 20.06 12.84
CA CYS B 274 13.65 20.05 12.89
C CYS B 274 14.83 20.98 12.69
N MET B 275 16.04 20.46 12.83
CA MET B 275 17.23 21.25 12.75
C MET B 275 18.33 20.66 11.90
N THR B 276 19.08 21.55 11.28
CA THR B 276 20.30 21.21 10.59
C THR B 276 21.51 21.21 11.52
N ILE B 277 22.55 20.51 11.10
CA ILE B 277 23.77 20.48 11.85
C ILE B 277 24.58 21.72 11.54
N PRO B 278 24.84 21.96 10.26
CA PRO B 278 25.35 23.27 9.91
C PRO B 278 24.24 24.26 10.06
N GLU B 279 24.46 25.47 9.61
CA GLU B 279 23.48 26.51 9.77
C GLU B 279 22.30 26.32 8.84
N ASN B 280 22.56 26.01 7.57
CA ASN B 280 21.48 25.80 6.65
C ASN B 280 21.80 24.84 5.49
N GLN B 281 22.16 23.63 5.83
CA GLN B 281 22.37 22.56 4.85
C GLN B 281 21.51 21.36 5.28
N TRP B 282 20.54 21.00 4.44
CA TRP B 282 19.76 19.77 4.70
C TRP B 282 20.27 18.60 3.84
N GLY B 283 20.29 18.79 2.53
CA GLY B 283 20.98 17.82 1.65
C GLY B 283 22.50 17.87 1.82
N TYR B 284 23.14 16.83 1.35
CA TYR B 284 24.60 16.71 1.39
C TYR B 284 25.29 17.84 0.70
N HIS B 285 26.14 18.53 1.44
CA HIS B 285 26.97 19.58 0.88
C HIS B 285 28.43 19.23 1.20
N LYS B 286 29.27 19.27 0.19
CA LYS B 286 30.67 18.82 0.37
C LYS B 286 31.57 19.69 1.25
N ASP B 287 31.24 20.93 1.47
CA ASP B 287 32.09 21.77 2.27
C ASP B 287 31.33 22.34 3.49
N TRP B 288 31.54 21.73 4.67
CA TRP B 288 30.90 22.19 5.89
C TRP B 288 31.62 23.38 6.56
N SER B 289 32.73 23.83 5.97
CA SER B 289 33.51 24.96 6.55
C SER B 289 32.87 26.29 6.19
N LEU B 290 31.85 26.27 5.36
CA LEU B 290 31.20 27.51 4.91
C LEU B 290 30.24 28.16 5.94
N SER B 291 29.79 27.43 6.95
CA SER B 291 28.90 28.01 7.97
C SER B 291 29.19 27.37 9.30
N TYR B 292 28.59 27.91 10.36
CA TYR B 292 28.87 27.35 11.67
C TYR B 292 28.23 25.97 11.78
N VAL B 293 28.96 25.08 12.40
CA VAL B 293 28.52 23.68 12.59
C VAL B 293 28.34 23.35 14.09
N LYS B 294 27.13 22.92 14.46
CA LYS B 294 26.81 22.72 15.83
C LYS B 294 27.54 21.52 16.41
N THR B 295 27.93 21.61 17.67
CA THR B 295 28.57 20.52 18.34
C THR B 295 27.49 19.62 18.95
N PRO B 296 27.87 18.40 19.33
CA PRO B 296 26.87 17.49 19.90
C PRO B 296 26.13 18.08 21.10
N ILE B 297 26.84 18.73 22.02
CA ILE B 297 26.18 19.36 23.19
C ILE B 297 25.23 20.47 22.76
N GLU B 298 25.64 21.28 21.79
CA GLU B 298 24.68 22.21 21.24
C GLU B 298 23.42 21.52 20.70
N VAL B 299 23.54 20.35 20.11
CA VAL B 299 22.38 19.66 19.56
C VAL B 299 21.57 19.08 20.73
N ILE B 300 22.22 18.53 21.71
CA ILE B 300 21.52 17.93 22.86
C ILE B 300 20.75 18.96 23.67
N ASP B 301 21.35 20.12 23.78
CA ASP B 301 20.64 21.28 24.35
C ASP B 301 19.33 21.54 23.65
N ARG B 302 19.37 21.59 22.33
CA ARG B 302 18.18 21.84 21.56
CA ARG B 302 18.19 21.83 21.53
C ARG B 302 17.13 20.73 21.73
N ILE B 303 17.56 19.49 21.81
CA ILE B 303 16.65 18.39 21.99
C ILE B 303 15.94 18.48 23.33
N VAL B 304 16.69 18.70 24.38
CA VAL B 304 16.08 18.79 25.69
C VAL B 304 15.23 19.99 25.83
N HIS B 305 15.65 21.11 25.19
CA HIS B 305 14.88 22.37 25.22
C HIS B 305 13.52 22.08 24.63
N ALA B 306 13.45 21.41 23.47
CA ALA B 306 12.14 21.12 22.86
C ALA B 306 11.24 20.27 23.78
N VAL B 307 11.77 19.22 24.36
CA VAL B 307 11.00 18.39 25.26
C VAL B 307 10.54 19.15 26.53
N SER B 308 11.39 20.05 27.02
CA SER B 308 11.04 20.87 28.20
C SER B 308 9.89 21.75 27.89
N MET B 309 9.63 22.01 26.61
CA MET B 309 8.47 22.81 26.22
C MET B 309 7.37 22.04 25.47
N GLY B 310 7.30 20.73 25.71
CA GLY B 310 6.26 19.90 25.12
C GLY B 310 6.36 19.62 23.61
N GLY B 311 7.58 19.67 23.10
CA GLY B 311 7.83 19.54 21.67
C GLY B 311 8.81 18.42 21.36
N ASN B 312 8.75 17.93 20.11
CA ASN B 312 9.70 16.94 19.59
C ASN B 312 10.82 17.69 18.93
N MET B 313 11.95 17.03 18.79
CA MET B 313 13.08 17.57 18.05
C MET B 313 13.60 16.51 17.08
N VAL B 314 13.93 16.94 15.89
CA VAL B 314 14.39 16.07 14.81
C VAL B 314 15.75 16.57 14.29
N VAL B 315 16.76 15.72 14.34
CA VAL B 315 18.08 16.10 13.84
C VAL B 315 18.28 15.59 12.42
N ASN B 316 18.67 16.49 11.51
CA ASN B 316 18.86 16.20 10.12
C ASN B 316 20.24 15.58 9.73
N PHE B 317 20.13 14.71 8.72
CA PHE B 317 21.23 14.01 8.10
C PHE B 317 21.03 14.12 6.60
N GLY B 318 22.13 14.42 5.92
CA GLY B 318 22.13 14.57 4.43
C GLY B 318 23.13 13.54 3.89
N PRO B 319 22.69 12.29 3.75
CA PRO B 319 23.59 11.19 3.33
C PRO B 319 24.36 11.43 2.01
N GLN B 320 25.54 10.85 1.96
CA GLN B 320 26.37 10.96 0.75
C GLN B 320 25.72 10.27 -0.43
N ALA B 321 26.14 10.68 -1.62
CA ALA B 321 25.71 10.02 -2.88
C ALA B 321 25.99 8.53 -2.90
N ASP B 322 27.06 8.09 -2.25
CA ASP B 322 27.42 6.69 -2.26
C ASP B 322 26.55 5.87 -1.34
N GLY B 323 25.69 6.54 -0.56
CA GLY B 323 24.81 5.80 0.37
C GLY B 323 25.37 5.57 1.75
N ASP B 324 26.49 6.20 2.07
CA ASP B 324 27.01 6.19 3.44
C ASP B 324 26.78 7.57 4.07
N PHE B 325 27.14 7.70 5.35
CA PHE B 325 27.10 8.98 6.08
C PHE B 325 28.50 9.58 6.27
N ARG B 326 28.62 10.89 6.05
CA ARG B 326 29.85 11.59 6.34
C ARG B 326 30.26 11.46 7.81
N PRO B 327 31.56 11.63 8.06
CA PRO B 327 32.11 11.43 9.40
C PRO B 327 31.46 12.30 10.46
N GLU B 328 31.17 13.56 10.12
CA GLU B 328 30.62 14.51 11.12
C GLU B 328 29.26 14.03 11.61
N GLU B 329 28.49 13.47 10.69
CA GLU B 329 27.19 12.93 11.01
C GLU B 329 27.24 11.64 11.83
N LYS B 330 28.21 10.77 11.54
CA LYS B 330 28.39 9.60 12.36
C LYS B 330 28.87 9.95 13.79
N ALA B 331 29.75 10.95 13.87
CA ALA B 331 30.26 11.38 15.18
C ALA B 331 29.06 11.91 15.97
N MET B 332 28.28 12.74 15.31
CA MET B 332 27.12 13.35 15.97
C MET B 332 26.14 12.29 16.49
N ALA B 333 25.83 11.29 15.65
CA ALA B 333 24.86 10.24 16.05
C ALA B 333 25.38 9.42 17.19
N THR B 334 26.66 9.15 17.18
CA THR B 334 27.27 8.39 18.26
C THR B 334 27.29 9.16 19.57
N ALA B 335 27.71 10.40 19.49
CA ALA B 335 27.66 11.29 20.70
C ALA B 335 26.27 11.39 21.29
N ILE B 336 25.30 11.68 20.45
CA ILE B 336 23.93 11.75 20.94
C ILE B 336 23.48 10.43 21.54
N GLY B 337 23.88 9.28 20.93
CA GLY B 337 23.37 8.01 21.42
C GLY B 337 23.97 7.65 22.77
N LYS B 338 25.24 7.98 22.94
CA LYS B 338 25.83 7.80 24.24
C LYS B 338 25.09 8.62 25.28
N TRP B 339 24.77 9.85 24.94
CA TRP B 339 24.09 10.70 25.93
C TRP B 339 22.70 10.18 26.25
N MET B 340 21.95 9.87 25.20
CA MET B 340 20.58 9.39 25.31
C MET B 340 20.51 8.11 26.05
N ASN B 341 21.53 7.29 25.90
CA ASN B 341 21.55 6.04 26.60
C ASN B 341 21.77 6.24 28.09
N ARG B 342 22.50 7.27 28.50
CA ARG B 342 22.58 7.55 29.96
C ARG B 342 21.37 8.33 30.47
N TYR B 343 20.87 9.28 29.68
CA TYR B 343 19.94 10.27 30.20
C TYR B 343 18.58 10.31 29.53
N GLY B 344 18.31 9.39 28.61
CA GLY B 344 17.05 9.43 27.90
C GLY B 344 15.80 9.26 28.71
N LYS B 345 15.90 8.79 29.95
CA LYS B 345 14.72 8.69 30.82
C LYS B 345 14.10 10.10 30.98
N ALA B 346 14.90 11.15 30.75
CA ALA B 346 14.38 12.56 30.90
C ALA B 346 13.97 13.14 29.57
N VAL B 347 14.03 12.35 28.49
CA VAL B 347 13.60 12.81 27.17
C VAL B 347 12.39 12.02 26.68
N TYR B 348 12.55 10.69 26.52
CA TYR B 348 11.50 9.86 26.04
C TYR B 348 10.26 9.99 26.92
N ALA B 349 9.11 10.17 26.29
CA ALA B 349 7.81 10.19 26.98
C ALA B 349 7.71 11.29 28.04
N CYS B 350 8.52 12.33 27.88
CA CYS B 350 8.47 13.45 28.79
C CYS B 350 7.83 14.68 28.19
N ASP B 351 7.60 15.71 29.03
CA ASP B 351 6.79 16.89 28.64
C ASP B 351 7.16 18.09 29.53
N TYR B 352 6.53 19.21 29.24
CA TYR B 352 6.61 20.42 30.06
C TYR B 352 6.34 20.13 31.53
N ALA B 353 7.20 20.62 32.44
CA ALA B 353 7.01 20.33 33.84
C ALA B 353 6.21 21.39 34.63
N GLY B 354 5.92 22.52 34.03
CA GLY B 354 5.29 23.62 34.75
C GLY B 354 6.13 24.32 35.84
N PHE B 355 7.45 24.20 35.80
CA PHE B 355 8.33 24.96 36.72
C PHE B 355 8.92 26.16 36.00
N GLU B 356 9.12 27.21 36.77
CA GLU B 356 9.72 28.43 36.28
C GLU B 356 11.17 28.09 35.84
N LYS B 357 11.57 28.53 34.66
CA LYS B 357 12.89 28.25 34.07
C LYS B 357 14.02 28.78 34.97
N GLN B 358 15.11 28.02 35.10
CA GLN B 358 16.31 28.47 35.79
C GLN B 358 17.53 28.29 34.92
N ASP B 359 18.60 28.97 35.30
CA ASP B 359 19.69 29.22 34.40
C ASP B 359 20.52 28.02 34.15
N TRP B 360 20.48 27.05 35.07
CA TRP B 360 21.30 25.86 34.94
C TRP B 360 20.90 24.93 33.79
N GLY B 361 19.69 25.05 33.29
CA GLY B 361 19.20 24.15 32.27
C GLY B 361 17.70 24.01 32.23
N TYR B 362 17.23 22.77 32.08
CA TYR B 362 15.83 22.53 31.80
C TYR B 362 15.20 21.54 32.75
N TYR B 363 13.91 21.71 33.01
CA TYR B 363 13.13 20.68 33.62
C TYR B 363 12.33 19.92 32.54
N THR B 364 12.20 18.62 32.74
CA THR B 364 11.18 17.85 32.06
C THR B 364 10.42 17.03 33.10
N ARG B 365 9.20 16.65 32.72
CA ARG B 365 8.36 15.82 33.52
C ARG B 365 8.07 14.47 32.85
N GLY B 366 8.26 13.40 33.64
CA GLY B 366 7.98 12.01 33.26
C GLY B 366 6.50 11.67 33.38
N LYS B 367 6.15 10.45 33.00
CA LYS B 367 4.71 10.07 32.92
C LYS B 367 4.14 9.84 34.31
N ASN B 368 5.02 9.59 35.27
CA ASN B 368 4.59 9.41 36.64
C ASN B 368 5.02 10.50 37.58
N ASP B 369 4.93 11.77 37.16
CA ASP B 369 5.26 12.88 38.03
C ASP B 369 6.74 13.00 38.42
N GLU B 370 7.62 12.24 37.80
CA GLU B 370 9.04 12.54 37.95
C GLU B 370 9.29 13.95 37.38
N VAL B 371 10.16 14.72 38.06
CA VAL B 371 10.67 15.96 37.48
C VAL B 371 12.16 15.84 37.31
N TYR B 372 12.62 16.06 36.09
CA TYR B 372 14.04 15.86 35.82
C TYR B 372 14.71 17.23 35.65
N MET B 373 15.83 17.43 36.30
CA MET B 373 16.66 18.61 36.10
C MET B 373 17.78 18.22 35.15
N VAL B 374 17.82 18.84 33.98
CA VAL B 374 18.87 18.56 33.01
C VAL B 374 19.80 19.76 33.01
N VAL B 375 21.01 19.58 33.56
CA VAL B 375 21.93 20.66 33.81
C VAL B 375 22.93 20.82 32.66
N PHE B 376 22.85 21.96 32.00
CA PHE B 376 23.76 22.32 30.88
C PHE B 376 24.78 23.41 31.29
N ASN B 377 24.42 24.20 32.30
CA ASN B 377 25.29 25.28 32.78
C ASN B 377 25.60 25.12 34.28
N GLN B 378 26.82 24.70 34.58
CA GLN B 378 27.22 24.33 35.93
C GLN B 378 27.57 25.58 36.81
N PRO B 379 26.80 25.82 37.86
CA PRO B 379 27.01 27.03 38.68
C PRO B 379 28.25 26.96 39.54
N TYR B 380 29.10 27.97 39.47
CA TYR B 380 30.23 28.05 40.41
C TYR B 380 29.73 28.01 41.89
N SER B 381 28.52 28.46 42.17
CA SER B 381 27.99 28.36 43.51
C SER B 381 27.84 26.95 44.01
N GLU B 382 27.88 25.99 43.08
CA GLU B 382 27.61 24.58 43.39
C GLU B 382 26.24 24.30 43.93
N ARG B 383 25.33 25.22 43.65
CA ARG B 383 23.94 25.13 44.06
C ARG B 383 23.02 25.42 42.87
N LEU B 384 22.03 24.55 42.70
CA LEU B 384 21.12 24.58 41.57
C LEU B 384 19.80 25.01 42.12
N ILE B 385 19.36 26.20 41.72
CA ILE B 385 18.18 26.78 42.31
C ILE B 385 16.95 26.13 41.72
N VAL B 386 16.01 25.77 42.60
CA VAL B 386 14.73 25.23 42.16
C VAL B 386 13.59 25.95 42.88
N LYS B 387 12.76 26.57 42.08
CA LYS B 387 11.62 27.27 42.58
C LYS B 387 10.38 26.49 42.16
N THR B 388 9.67 25.98 43.16
CA THR B 388 8.50 25.14 42.94
C THR B 388 7.23 25.96 42.80
N PRO B 389 6.25 25.44 42.03
CA PRO B 389 4.93 26.03 42.00
C PRO B 389 4.22 25.87 43.34
N LYS B 390 3.28 26.76 43.60
CA LYS B 390 2.48 26.83 44.82
C LYS B 390 1.98 25.45 45.14
N GLY B 391 2.25 24.97 46.35
CA GLY B 391 1.74 23.68 46.78
C GLY B 391 2.60 22.48 46.44
N ILE B 392 3.78 22.71 45.86
CA ILE B 392 4.65 21.59 45.47
C ILE B 392 5.88 21.64 46.29
N THR B 393 6.35 20.49 46.76
CA THR B 393 7.57 20.40 47.57
C THR B 393 8.45 19.35 46.97
N VAL B 394 9.76 19.53 47.18
CA VAL B 394 10.74 18.58 46.72
C VAL B 394 11.12 17.69 47.87
N GLU B 395 10.88 16.41 47.72
CA GLU B 395 11.15 15.48 48.80
C GLU B 395 12.49 14.80 48.67
N LYS B 396 13.01 14.64 47.45
CA LYS B 396 14.32 13.95 47.29
C LYS B 396 14.94 14.33 45.95
N ALA B 397 16.25 14.26 45.87
CA ALA B 397 16.93 14.40 44.62
C ALA B 397 17.97 13.29 44.48
N THR B 398 18.10 12.79 43.25
CA THR B 398 18.91 11.60 42.97
C THR B 398 19.62 11.80 41.67
N LEU B 399 20.92 11.63 41.67
CA LEU B 399 21.65 11.63 40.42
C LEU B 399 21.19 10.44 39.52
N LEU B 400 20.67 10.73 38.35
CA LEU B 400 20.01 9.71 37.53
C LEU B 400 20.94 8.55 37.23
N THR B 401 22.16 8.83 36.80
CA THR B 401 23.07 7.76 36.40
C THR B 401 23.49 6.83 37.52
N THR B 402 23.78 7.34 38.71
CA THR B 402 24.31 6.49 39.77
C THR B 402 23.33 6.19 40.81
N GLY B 403 22.19 6.84 40.84
CA GLY B 403 21.29 6.68 41.99
C GLY B 403 21.79 7.38 43.27
N GLU B 404 22.90 8.10 43.26
CA GLU B 404 23.33 8.71 44.53
C GLU B 404 22.35 9.76 45.01
N ASP B 405 22.26 9.91 46.31
CA ASP B 405 21.34 10.87 46.90
C ASP B 405 22.04 12.24 46.85
N ILE B 406 21.26 13.27 46.55
CA ILE B 406 21.77 14.63 46.35
C ILE B 406 21.07 15.51 47.35
N THR B 407 21.84 16.39 47.97
CA THR B 407 21.33 17.23 49.02
C THR B 407 20.42 18.28 48.46
N VAL B 408 19.30 18.43 49.15
CA VAL B 408 18.32 19.45 48.87
C VAL B 408 18.17 20.30 50.13
N VAL B 409 18.29 21.62 50.02
CA VAL B 409 18.11 22.55 51.15
C VAL B 409 17.07 23.59 50.80
N GLU B 410 16.11 23.78 51.69
CA GLU B 410 15.10 24.79 51.52
C GLU B 410 15.73 26.14 51.86
N THR B 411 15.55 27.13 51.01
CA THR B 411 16.19 28.46 51.20
C THR B 411 15.13 29.47 51.54
N THR B 412 14.00 29.39 50.86
CA THR B 412 12.85 30.25 51.11
C THR B 412 11.60 29.45 50.95
N ARG B 413 10.47 30.17 51.06
CA ARG B 413 9.10 29.65 50.93
C ARG B 413 8.97 28.67 49.77
N ASN B 414 9.22 29.06 48.54
CA ASN B 414 8.98 28.02 47.51
C ASN B 414 10.19 27.66 46.76
N GLU B 415 11.29 27.53 47.48
CA GLU B 415 12.60 27.56 46.86
C GLU B 415 13.65 26.70 47.53
N TYR B 416 14.44 26.01 46.71
CA TYR B 416 15.49 25.16 47.21
C TYR B 416 16.80 25.36 46.45
N ASN B 417 17.89 25.05 47.14
CA ASN B 417 19.16 24.77 46.54
C ASN B 417 19.35 23.24 46.45
N VAL B 418 19.41 22.73 45.23
CA VAL B 418 19.79 21.34 45.00
C VAL B 418 21.29 21.34 44.71
N SER B 419 22.08 20.57 45.46
CA SER B 419 23.55 20.61 45.27
C SER B 419 23.91 19.92 43.99
N VAL B 420 25.06 20.30 43.44
CA VAL B 420 25.61 19.62 42.31
C VAL B 420 26.18 18.32 42.83
N PRO B 421 26.42 17.33 41.94
CA PRO B 421 27.02 16.08 42.40
C PRO B 421 28.43 16.32 42.92
N LYS B 422 28.89 15.46 43.81
CA LYS B 422 30.20 15.66 44.41
C LYS B 422 31.26 15.51 43.33
N LYS B 423 31.13 14.58 42.40
CA LYS B 423 32.06 14.54 41.26
C LYS B 423 31.37 15.23 40.10
N ASN B 424 32.03 16.19 39.48
CA ASN B 424 31.46 16.87 38.32
C ASN B 424 31.23 15.81 37.25
N PRO B 425 30.01 15.65 36.76
CA PRO B 425 29.83 14.67 35.71
C PRO B 425 30.49 14.98 34.40
N GLY B 426 30.89 16.22 34.13
CA GLY B 426 31.75 16.52 32.99
C GLY B 426 30.98 16.59 31.70
N GLU B 427 29.66 16.60 31.78
CA GLU B 427 28.83 16.68 30.60
C GLU B 427 27.46 17.08 31.14
N PRO B 428 26.54 17.50 30.28
CA PRO B 428 25.18 17.72 30.77
C PRO B 428 24.62 16.47 31.40
N TYR B 429 23.93 16.66 32.52
CA TYR B 429 23.56 15.59 33.35
C TYR B 429 22.19 15.76 33.95
N VAL B 430 21.63 14.71 34.53
CA VAL B 430 20.29 14.74 35.05
C VAL B 430 20.22 14.41 36.55
N ILE B 431 19.43 15.22 37.27
CA ILE B 431 19.07 14.95 38.62
C ILE B 431 17.56 14.80 38.62
N GLN B 432 17.09 13.72 39.19
CA GLN B 432 15.69 13.45 39.24
C GLN B 432 15.19 13.85 40.59
N LEU B 433 14.09 14.58 40.58
CA LEU B 433 13.42 14.99 41.77
C LEU B 433 12.15 14.15 42.03
N LYS B 434 11.95 13.80 43.29
CA LYS B 434 10.69 13.26 43.79
C LYS B 434 10.01 14.46 44.39
N VAL B 435 8.85 14.82 43.84
CA VAL B 435 8.11 15.99 44.31
C VAL B 435 6.76 15.52 44.81
N ARG B 436 6.12 16.32 45.69
CA ARG B 436 4.84 15.98 46.29
C ARG B 436 4.00 17.19 46.26
N ALA B 437 2.71 17.02 46.04
CA ALA B 437 1.74 18.10 45.96
C ALA B 437 0.83 18.15 47.18
N ALA B 438 0.53 19.38 47.60
CA ALA B 438 -0.48 19.73 48.60
C ALA B 438 -1.72 20.38 47.94
CAP 1KN C . -25.04 -22.78 -6.51
OAO 1KN C . -24.80 -21.86 -5.42
CAL 1KN C . -23.54 -21.30 -5.25
CAM 1KN C . -22.40 -21.82 -5.83
CAN 1KN C . -21.16 -21.21 -5.59
CAK 1KN C . -23.43 -20.22 -4.40
CAJ 1KN C . -22.22 -19.62 -4.16
CAI 1KN C . -21.06 -20.10 -4.75
CAC 1KN C . -19.83 -19.44 -4.51
NAD 1KN C . -19.30 -18.89 -5.85
CAE 1KN C . -17.97 -19.49 -5.99
CAF 1KN C . -17.02 -18.75 -6.91
CAA 1KN C . -17.44 -19.54 -4.49
OAH 1KN C . -17.22 -18.22 -3.97
CAB 1KN C . -18.72 -20.31 -3.97
OAG 1KN C . -18.80 -20.53 -2.54
S SO4 D . -25.37 -16.83 -10.92
O1 SO4 D . -25.28 -17.65 -9.69
O2 SO4 D . -24.85 -15.50 -10.48
O3 SO4 D . -24.56 -17.32 -12.03
O4 SO4 D . -26.74 -16.79 -11.44
S SO4 E . -27.25 -16.56 12.38
O1 SO4 E . -26.81 -16.45 13.78
O2 SO4 E . -27.92 -15.33 11.91
O3 SO4 E . -26.02 -16.76 11.55
O4 SO4 E . -28.16 -17.72 12.21
N1 IMD F . -0.76 -17.61 -5.05
C2 IMD F . -1.65 -17.80 -6.02
N3 IMD F . -1.68 -19.11 -6.37
C4 IMD F . -0.85 -19.77 -5.63
C5 IMD F . -0.27 -18.83 -4.79
N1 IMD G . -4.97 -15.81 -39.71
C2 IMD G . -6.10 -16.17 -40.37
N3 IMD G . -6.94 -16.80 -39.49
C4 IMD G . -6.34 -16.83 -38.27
C5 IMD G . -5.10 -16.22 -38.43
N1 IMD H . -26.78 -19.03 -7.32
C2 IMD H . -27.92 -18.80 -8.02
N3 IMD H . -28.98 -19.13 -7.21
C4 IMD H . -28.50 -19.55 -6.00
C5 IMD H . -27.12 -19.50 -6.09
C1 GOL I . 1.37 -3.17 -10.81
O1 GOL I . 0.36 -2.14 -10.89
C2 GOL I . 1.13 -4.13 -12.00
O2 GOL I . 1.72 -5.42 -11.85
C3 GOL I . -0.38 -4.17 -12.25
O3 GOL I . -1.11 -4.96 -11.31
C1 GOL J . -5.43 -26.52 8.08
O1 GOL J . -6.13 -25.81 7.00
C2 GOL J . -3.90 -26.55 7.98
O2 GOL J . -3.39 -25.29 8.39
C3 GOL J . -3.26 -27.58 8.92
O3 GOL J . -2.63 -28.65 8.22
C1 GOL K . -12.97 4.85 2.03
O1 GOL K . -14.29 4.31 2.40
C2 GOL K . -12.04 4.89 3.25
O2 GOL K . -12.45 5.96 4.13
C3 GOL K . -10.58 5.13 2.81
O3 GOL K . -9.87 3.95 2.36
CAP 1KN L . 14.30 29.99 3.28
OAO 1KN L . 13.20 29.22 2.76
CAL 1KN L . 13.31 27.82 2.81
CAM 1KN L . 12.52 27.09 1.96
CAN 1KN L . 12.55 25.69 1.96
CAK 1KN L . 14.16 27.11 3.70
CAJ 1KN L . 14.21 25.71 3.71
CAI 1KN L . 13.39 24.97 2.81
CAC 1KN L . 13.31 23.54 2.72
NAD 1KN L . 12.49 22.97 3.83
CAE 1KN L . 13.47 22.29 4.72
CAF 1KN L . 12.81 21.29 5.72
CAA 1KN L . 14.38 21.63 3.68
OAH 1KN L . 13.73 20.55 2.96
CAB 1KN L . 14.69 22.82 2.76
OAG 1KN L . 15.09 22.39 1.48
S SO4 M . 7.03 27.82 6.13
O1 SO4 M . 7.53 28.19 7.46
O2 SO4 M . 6.40 29.04 5.66
O3 SO4 M . 8.06 27.41 5.13
O4 SO4 M . 6.06 26.73 6.33
S SO4 N . 27.85 31.74 -2.94
O1 SO4 N . 27.38 31.48 -1.54
O2 SO4 N . 28.74 32.93 -2.91
O3 SO4 N . 28.60 30.59 -3.53
O4 SO4 N . 26.69 31.96 -3.83
N1 IMD O . 19.96 8.71 11.09
C2 IMD O . 18.86 8.07 10.58
N3 IMD O . 19.23 7.00 9.83
C4 IMD O . 20.57 6.99 9.88
C5 IMD O . 21.02 8.06 10.64
N1 IMD P . 16.17 -6.70 14.34
C2 IMD P . 17.10 -6.21 13.50
N3 IMD P . 16.81 -6.65 12.25
C4 IMD P . 15.69 -7.42 12.30
C5 IMD P . 15.28 -7.43 13.61
N1 IMD Q . 0.22 27.33 30.03
C2 IMD Q . 1.14 28.26 29.67
N3 IMD Q . 0.50 29.24 29.00
C4 IMD Q . -0.82 28.91 28.93
C5 IMD Q . -1.00 27.72 29.57
C1 GOL R . 33.11 8.06 2.74
O1 GOL R . 32.27 6.92 2.37
C2 GOL R . 33.36 8.20 4.26
O2 GOL R . 33.87 9.51 4.57
C3 GOL R . 32.13 7.95 5.17
O3 GOL R . 32.28 8.48 6.51
C1 GOL S . -8.06 0.14 10.86
O1 GOL S . -8.72 1.04 9.97
C2 GOL S . -8.93 -0.19 12.09
O2 GOL S . -10.34 -0.27 11.76
C3 GOL S . -8.50 -1.51 12.72
O3 GOL S . -9.67 -2.31 12.93
#